data_8BRC
#
_entry.id   8BRC
#
_cell.length_a   136.340
_cell.length_b   156.400
_cell.length_c   107.440
_cell.angle_alpha   90.00
_cell.angle_beta   90.00
_cell.angle_gamma   90.00
#
_symmetry.space_group_name_H-M   'C 2 2 21'
#
loop_
_entity.id
_entity.type
_entity.pdbx_description
1 polymer Serotransferrin
2 non-polymer 'FE (III) ION'
3 non-polymer 'MALONATE ION'
4 non-polymer 2-acetamido-2-deoxy-beta-D-glucopyranose
5 non-polymer 'PLATINUM (II) ION'
6 non-polymer AMMONIA
7 water water
#
_entity_poly.entity_id   1
_entity_poly.type   'polypeptide(L)'
_entity_poly.pdbx_seq_one_letter_code
;VPDKTVRWCAVSEHEATKCQSFRDHMKSVIPSDGPSVACVKKASYLDCIRAIAANEADAVTLDAGLVYDAYLAPNNLKPV
VAEFYGSKEDPQTFYYAVAVVKKDSGFQMNQLRGKKSCHTGLGRSAGWNIPIGLLYCDLPEPRKPLEKAVANFFSGSCAP
CADGTDFPQLCQLCPGCGCSTLNQYFGYSGAFKCLKDGAGDVAFVKHSTIFENLANKADRDQYELLCLDNTRKPVDEYKD
CHLAQVPSHTVVARSMGGKEDLIWELLNQAQEHFGKDKSKEFQLFSSPHGKDLLFKDSAHGFLKVPPRMDAKMYLGYEYV
TAIRNLREGTCPEAPTDECKPVKWCALSHHERLKCDEWSVNSVGKIECVSAETTEDCIAKIMNGEADAMSLDGGFVYIAG
KCGLVPVLAENYNKSDNCEDTPEAGYFAIAVVKKSASDLTWDNLKGKKSCHTAVGRTAGWNIPMGLLYNKINHCRFDEFF
SEGCAPGSKKDSSLCKLCMGSGLNLCEPNNKEGYYGYTGAFRCLVEKGDVAFVKHQTVPQNTGGKNPDPWAKNLNEKDYE
LLCLDGTRKPVEEYANCHLARAPNHAVVTRKDKEACVHKILRQQQHLFGSNVTDCSGNFCLFRSETKDLLFRDDTVCLAK
LHDRNTYEKYLGEEYVKAVGNLRKCSTSSLLEACTFRRP
;
_entity_poly.pdbx_strand_id   A
#
# COMPACT_ATOMS: atom_id res chain seq x y z
N ASP A 3 -22.66 -28.22 8.71
CA ASP A 3 -22.63 -27.19 9.78
C ASP A 3 -21.55 -26.16 9.46
N LYS A 4 -21.63 -25.02 10.16
CA LYS A 4 -20.66 -23.95 10.03
C LYS A 4 -19.69 -24.03 11.21
N THR A 5 -18.68 -24.90 11.08
CA THR A 5 -17.71 -25.11 12.15
C THR A 5 -16.35 -24.53 11.73
N VAL A 6 -15.62 -24.02 12.73
CA VAL A 6 -14.26 -23.55 12.56
C VAL A 6 -13.34 -24.45 13.39
N ARG A 7 -12.44 -25.17 12.70
CA ARG A 7 -11.53 -26.08 13.37
C ARG A 7 -10.29 -25.29 13.80
N TRP A 8 -10.14 -25.14 15.12
CA TRP A 8 -9.04 -24.33 15.63
C TRP A 8 -7.89 -25.23 16.05
N CYS A 9 -6.69 -24.80 15.63
CA CYS A 9 -5.47 -25.57 15.79
C CYS A 9 -4.76 -25.12 17.06
N ALA A 10 -4.60 -26.05 18.01
CA ALA A 10 -3.80 -25.85 19.21
C ALA A 10 -2.44 -26.51 19.03
N VAL A 11 -1.39 -25.99 19.69
CA VAL A 11 -0.04 -26.52 19.50
C VAL A 11 0.48 -27.13 20.80
N SER A 12 -0.39 -27.23 21.83
CA SER A 12 -0.01 -27.82 23.11
C SER A 12 -1.25 -28.39 23.79
N GLU A 13 -1.03 -29.19 24.83
CA GLU A 13 -2.12 -29.78 25.59
C GLU A 13 -2.87 -28.67 26.32
N HIS A 14 -2.13 -27.75 26.94
CA HIS A 14 -2.71 -26.61 27.62
C HIS A 14 -3.63 -25.84 26.67
N GLU A 15 -3.14 -25.62 25.44
CA GLU A 15 -3.84 -24.83 24.45
C GLU A 15 -5.16 -25.49 24.07
N ALA A 16 -5.13 -26.82 23.89
CA ALA A 16 -6.31 -27.57 23.49
C ALA A 16 -7.38 -27.47 24.58
N THR A 17 -6.93 -27.52 25.84
CA THR A 17 -7.83 -27.46 26.97
C THR A 17 -8.63 -26.16 26.95
N LYS A 18 -7.92 -25.03 26.78
CA LYS A 18 -8.57 -23.73 26.64
C LYS A 18 -9.53 -23.78 25.46
N CYS A 19 -9.02 -24.19 24.29
CA CYS A 19 -9.80 -24.25 23.07
C CYS A 19 -11.13 -24.97 23.33
N GLN A 20 -11.05 -26.09 24.05
CA GLN A 20 -12.23 -26.87 24.40
C GLN A 20 -13.24 -26.00 25.15
N SER A 21 -12.78 -25.32 26.22
CA SER A 21 -13.58 -24.34 26.95
C SER A 21 -14.20 -23.33 25.99
N PHE A 22 -13.36 -22.74 25.13
CA PHE A 22 -13.81 -21.85 24.07
C PHE A 22 -14.99 -22.47 23.34
N ARG A 23 -14.82 -23.70 22.82
CA ARG A 23 -15.88 -24.42 22.12
C ARG A 23 -17.16 -24.48 22.95
N ASP A 24 -17.04 -24.83 24.24
CA ASP A 24 -18.18 -25.15 25.08
C ASP A 24 -18.97 -23.91 25.44
N HIS A 25 -18.27 -22.84 25.83
CA HIS A 25 -18.90 -21.60 26.26
C HIS A 25 -19.56 -20.91 25.06
N MET A 26 -19.01 -21.16 23.87
CA MET A 26 -19.58 -20.66 22.63
C MET A 26 -20.96 -21.27 22.39
N LYS A 27 -21.18 -22.48 22.92
CA LYS A 27 -22.44 -23.18 22.67
C LYS A 27 -23.56 -22.59 23.52
N SER A 28 -23.20 -21.86 24.57
CA SER A 28 -24.22 -21.18 25.36
C SER A 28 -24.71 -19.92 24.65
N VAL A 29 -23.79 -19.22 23.98
CA VAL A 29 -24.05 -17.88 23.51
C VAL A 29 -24.50 -17.87 22.06
N ILE A 30 -23.91 -18.74 21.24
CA ILE A 30 -24.22 -18.78 19.82
C ILE A 30 -25.44 -19.67 19.59
N PRO A 31 -26.44 -19.23 18.78
CA PRO A 31 -27.55 -20.10 18.38
C PRO A 31 -27.06 -21.20 17.44
N SER A 32 -27.86 -22.25 17.26
CA SER A 32 -27.52 -23.35 16.37
C SER A 32 -27.43 -22.86 14.92
N ASP A 33 -27.93 -21.64 14.67
CA ASP A 33 -27.74 -20.94 13.41
C ASP A 33 -26.53 -20.01 13.53
N GLY A 34 -25.36 -20.60 13.86
CA GLY A 34 -24.16 -19.83 14.15
C GLY A 34 -22.90 -20.70 14.13
N PRO A 35 -21.71 -20.10 14.32
CA PRO A 35 -20.45 -20.82 14.14
C PRO A 35 -20.02 -21.65 15.34
N SER A 36 -19.30 -22.74 15.07
CA SER A 36 -18.86 -23.67 16.10
C SER A 36 -17.33 -23.67 16.17
N VAL A 37 -16.80 -24.12 17.31
CA VAL A 37 -15.38 -24.38 17.46
C VAL A 37 -15.19 -25.89 17.55
N ALA A 38 -14.34 -26.43 16.67
CA ALA A 38 -13.76 -27.74 16.88
C ALA A 38 -12.29 -27.57 17.24
N CYS A 39 -11.79 -28.42 18.13
CA CYS A 39 -10.44 -28.26 18.62
C CYS A 39 -9.53 -29.35 18.05
N VAL A 40 -8.47 -28.90 17.37
CA VAL A 40 -7.52 -29.77 16.70
C VAL A 40 -6.13 -29.51 17.30
N LYS A 41 -5.62 -30.49 18.05
CA LYS A 41 -4.29 -30.36 18.64
C LYS A 41 -3.25 -30.91 17.65
N LYS A 42 -2.17 -30.14 17.46
CA LYS A 42 -1.03 -30.57 16.68
C LYS A 42 0.25 -30.28 17.45
N ALA A 43 1.36 -30.82 16.93
CA ALA A 43 2.64 -30.88 17.63
C ALA A 43 3.36 -29.53 17.65
N SER A 44 3.07 -28.66 16.67
CA SER A 44 3.83 -27.42 16.47
C SER A 44 3.08 -26.48 15.54
N TYR A 45 3.58 -25.24 15.44
CA TYR A 45 2.93 -24.22 14.63
C TYR A 45 3.06 -24.59 13.17
N LEU A 46 4.15 -25.31 12.83
CA LEU A 46 4.39 -25.72 11.46
C LEU A 46 3.39 -26.80 11.07
N ASP A 47 3.21 -27.79 11.97
CA ASP A 47 2.21 -28.83 11.79
C ASP A 47 0.81 -28.23 11.61
N CYS A 48 0.50 -27.22 12.42
CA CYS A 48 -0.77 -26.52 12.31
C CYS A 48 -0.92 -25.91 10.92
N ILE A 49 0.16 -25.31 10.43
CA ILE A 49 0.15 -24.66 9.12
C ILE A 49 -0.16 -25.69 8.03
N ARG A 50 0.59 -26.81 8.06
CA ARG A 50 0.35 -27.91 7.16
C ARG A 50 -1.10 -28.40 7.27
N ALA A 51 -1.58 -28.54 8.52
CA ALA A 51 -2.90 -29.10 8.81
C ALA A 51 -4.01 -28.27 8.16
N ILE A 52 -3.91 -26.93 8.30
CA ILE A 52 -4.89 -26.02 7.73
C ILE A 52 -4.84 -26.14 6.22
N ALA A 53 -3.61 -26.06 5.67
CA ALA A 53 -3.36 -26.20 4.24
C ALA A 53 -3.94 -27.52 3.72
N ALA A 54 -3.82 -28.57 4.55
CA ALA A 54 -4.27 -29.92 4.21
C ALA A 54 -5.79 -30.02 4.30
N ASN A 55 -6.43 -28.99 4.87
CA ASN A 55 -7.87 -28.93 5.08
C ASN A 55 -8.26 -29.90 6.20
N GLU A 56 -7.44 -29.92 7.27
CA GLU A 56 -7.73 -30.73 8.44
C GLU A 56 -8.05 -29.82 9.63
N ALA A 57 -7.70 -28.54 9.50
CA ALA A 57 -8.06 -27.49 10.43
C ALA A 57 -8.37 -26.22 9.64
N ASP A 58 -8.82 -25.17 10.34
CA ASP A 58 -9.28 -23.97 9.65
C ASP A 58 -8.42 -22.75 10.02
N ALA A 59 -8.06 -22.59 11.31
CA ALA A 59 -7.43 -21.37 11.78
C ALA A 59 -6.40 -21.64 12.88
N VAL A 60 -5.37 -20.77 12.92
CA VAL A 60 -4.43 -20.65 14.02
C VAL A 60 -3.86 -19.23 14.05
N THR A 61 -3.37 -18.81 15.23
CA THR A 61 -2.84 -17.46 15.42
C THR A 61 -1.32 -17.51 15.48
N LEU A 62 -0.66 -16.70 14.62
CA LEU A 62 0.75 -16.83 14.35
C LEU A 62 1.50 -15.53 14.63
N ASP A 63 2.78 -15.69 15.02
CA ASP A 63 3.75 -14.62 15.04
C ASP A 63 4.21 -14.35 13.61
N ALA A 64 4.79 -13.17 13.38
CA ALA A 64 4.97 -12.64 12.04
C ALA A 64 5.85 -13.56 11.19
N GLY A 65 6.96 -14.05 11.77
CA GLY A 65 7.82 -14.99 11.09
C GLY A 65 7.04 -16.17 10.51
N LEU A 66 6.17 -16.75 11.35
CA LEU A 66 5.38 -17.91 11.00
C LEU A 66 4.30 -17.55 10.00
N VAL A 67 3.80 -16.31 10.06
CA VAL A 67 2.83 -15.85 9.07
C VAL A 67 3.48 -15.96 7.70
N TYR A 68 4.78 -15.63 7.64
CA TYR A 68 5.55 -15.70 6.40
C TYR A 68 5.62 -17.14 5.90
N ASP A 69 5.98 -18.07 6.79
CA ASP A 69 6.13 -19.46 6.41
C ASP A 69 4.81 -19.99 5.85
N ALA A 70 3.70 -19.55 6.45
CA ALA A 70 2.37 -20.04 6.11
C ALA A 70 1.97 -19.54 4.72
N TYR A 71 2.39 -18.31 4.40
CA TYR A 71 2.14 -17.68 3.11
C TYR A 71 2.74 -18.52 1.98
N LEU A 72 3.95 -19.05 2.21
CA LEU A 72 4.70 -19.77 1.20
C LEU A 72 3.93 -21.01 0.74
N ALA A 73 4.07 -21.32 -0.56
CA ALA A 73 3.62 -22.59 -1.11
C ALA A 73 4.50 -23.69 -0.53
N PRO A 74 3.95 -24.89 -0.19
CA PRO A 74 2.59 -25.27 -0.59
C PRO A 74 1.45 -24.99 0.38
N ASN A 75 1.66 -24.05 1.32
CA ASN A 75 0.67 -23.79 2.35
C ASN A 75 -0.32 -22.71 1.90
N ASN A 76 0.21 -21.65 1.27
CA ASN A 76 -0.60 -20.55 0.76
C ASN A 76 -1.73 -20.25 1.74
N LEU A 77 -1.36 -19.84 2.96
CA LEU A 77 -2.30 -19.31 3.92
C LEU A 77 -2.21 -17.78 3.87
N LYS A 78 -3.26 -17.12 4.38
CA LYS A 78 -3.32 -15.66 4.40
C LYS A 78 -3.82 -15.18 5.77
N PRO A 79 -3.57 -13.91 6.14
CA PRO A 79 -4.08 -13.34 7.39
C PRO A 79 -5.52 -12.88 7.24
N VAL A 80 -6.35 -13.18 8.25
CA VAL A 80 -7.78 -12.95 8.13
C VAL A 80 -8.30 -12.13 9.30
N VAL A 81 -7.66 -12.28 10.47
CA VAL A 81 -8.05 -11.52 11.66
C VAL A 81 -6.76 -11.14 12.40
N ALA A 82 -6.74 -9.92 12.95
CA ALA A 82 -5.59 -9.44 13.71
C ALA A 82 -6.01 -9.20 15.15
N GLU A 83 -5.10 -9.55 16.09
CA GLU A 83 -5.18 -9.10 17.47
C GLU A 83 -4.85 -7.61 17.54
N PHE A 84 -5.54 -6.89 18.43
CA PHE A 84 -5.19 -5.51 18.71
C PHE A 84 -4.98 -5.35 20.21
N TYR A 85 -4.20 -4.32 20.58
CA TYR A 85 -3.78 -4.15 21.96
C TYR A 85 -4.09 -2.72 22.42
N GLY A 86 -4.32 -2.58 23.73
CA GLY A 86 -4.64 -1.30 24.34
C GLY A 86 -5.90 -0.65 23.77
N SER A 87 -5.71 0.54 23.17
CA SER A 87 -6.77 1.44 22.81
C SER A 87 -7.65 0.88 21.69
N LYS A 88 -8.96 1.17 21.80
CA LYS A 88 -9.94 0.90 20.76
C LYS A 88 -9.79 1.93 19.65
N GLU A 89 -9.66 3.20 20.06
CA GLU A 89 -9.44 4.33 19.17
C GLU A 89 -8.19 4.07 18.33
N ASP A 90 -7.15 3.56 18.99
CA ASP A 90 -5.83 3.39 18.42
C ASP A 90 -5.35 1.95 18.68
N PRO A 91 -5.63 1.00 17.77
CA PRO A 91 -5.25 -0.40 17.95
C PRO A 91 -3.73 -0.55 17.85
N GLN A 92 -3.18 -1.46 18.66
CA GLN A 92 -1.75 -1.74 18.59
C GLN A 92 -1.53 -3.00 17.77
N THR A 93 -1.99 -2.95 16.51
CA THR A 93 -1.94 -4.10 15.61
C THR A 93 -0.50 -4.37 15.19
N PHE A 94 0.20 -3.32 14.75
CA PHE A 94 1.56 -3.48 14.27
C PHE A 94 2.54 -2.82 15.23
N TYR A 95 3.80 -3.27 15.20
CA TYR A 95 4.91 -2.53 15.77
C TYR A 95 5.97 -2.31 14.69
N TYR A 96 6.95 -1.43 15.00
CA TYR A 96 7.97 -1.11 14.01
C TYR A 96 9.36 -1.43 14.57
N ALA A 97 10.13 -2.19 13.78
CA ALA A 97 11.55 -2.36 14.04
C ALA A 97 12.28 -1.12 13.57
N VAL A 98 13.04 -0.50 14.47
CA VAL A 98 13.75 0.74 14.20
C VAL A 98 15.23 0.57 14.56
N ALA A 99 16.07 1.34 13.87
CA ALA A 99 17.47 1.50 14.26
C ALA A 99 17.64 2.90 14.86
N VAL A 100 17.92 2.94 16.17
CA VAL A 100 18.06 4.19 16.90
C VAL A 100 19.55 4.52 17.04
N VAL A 101 19.88 5.78 16.74
CA VAL A 101 21.25 6.27 16.76
C VAL A 101 21.28 7.59 17.53
N LYS A 102 22.50 7.99 17.93
CA LYS A 102 22.74 9.27 18.59
C LYS A 102 22.71 10.39 17.55
N LYS A 103 22.15 11.54 17.94
CA LYS A 103 22.12 12.73 17.11
C LYS A 103 23.55 13.11 16.74
N ASP A 104 23.79 13.26 15.43
CA ASP A 104 25.08 13.68 14.89
C ASP A 104 26.14 12.63 15.13
N SER A 105 25.74 11.34 15.16
CA SER A 105 26.72 10.27 15.15
C SER A 105 27.31 10.09 13.74
N GLY A 106 26.59 10.63 12.74
CA GLY A 106 27.14 10.97 11.43
C GLY A 106 27.30 9.79 10.47
N PHE A 107 26.35 8.86 10.48
CA PHE A 107 26.34 7.77 9.52
C PHE A 107 24.89 7.40 9.18
N GLN A 108 24.75 6.57 8.14
CA GLN A 108 23.43 6.15 7.67
C GLN A 108 23.38 4.62 7.65
N MET A 109 22.21 4.09 7.25
CA MET A 109 21.94 2.66 7.26
C MET A 109 22.99 1.92 6.43
N ASN A 110 23.46 2.55 5.35
CA ASN A 110 24.34 1.94 4.37
C ASN A 110 25.80 2.09 4.80
N GLN A 111 26.01 2.52 6.05
CA GLN A 111 27.33 2.83 6.57
C GLN A 111 27.54 2.14 7.92
N LEU A 112 26.95 0.95 8.09
CA LEU A 112 26.93 0.35 9.41
C LEU A 112 28.17 -0.53 9.62
N ARG A 113 28.96 -0.74 8.55
CA ARG A 113 30.09 -1.65 8.63
C ARG A 113 31.18 -1.06 9.54
N GLY A 114 31.43 -1.76 10.65
CA GLY A 114 32.49 -1.38 11.57
C GLY A 114 32.00 -0.48 12.70
N LYS A 115 30.67 -0.36 12.82
CA LYS A 115 30.05 0.35 13.93
C LYS A 115 29.89 -0.62 15.09
N LYS A 116 29.47 -0.09 16.25
CA LYS A 116 29.12 -0.90 17.40
C LYS A 116 27.59 -0.98 17.48
N SER A 117 27.06 -2.21 17.42
CA SER A 117 25.62 -2.43 17.38
C SER A 117 25.13 -2.98 18.71
N CYS A 118 23.87 -2.65 19.04
CA CYS A 118 23.21 -3.21 20.21
C CYS A 118 21.97 -3.99 19.78
N HIS A 119 21.89 -5.25 20.21
CA HIS A 119 20.80 -6.13 19.84
C HIS A 119 19.96 -6.46 21.08
N THR A 120 18.66 -6.67 20.88
CA THR A 120 17.77 -7.01 22.00
C THR A 120 18.07 -8.43 22.47
N GLY A 121 18.54 -9.26 21.53
CA GLY A 121 18.83 -10.66 21.77
C GLY A 121 18.93 -11.38 20.42
N LEU A 122 19.75 -12.42 20.36
CA LEU A 122 19.87 -13.23 19.15
C LEU A 122 18.54 -13.92 18.89
N GLY A 123 18.14 -13.93 17.61
CA GLY A 123 16.94 -14.62 17.18
C GLY A 123 15.66 -13.80 17.36
N ARG A 124 15.75 -12.70 18.11
CA ARG A 124 14.59 -11.81 18.21
C ARG A 124 14.43 -11.08 16.89
N SER A 125 13.19 -10.78 16.50
CA SER A 125 12.93 -10.19 15.19
C SER A 125 13.52 -8.78 15.11
N ALA A 126 12.94 -7.86 15.91
CA ALA A 126 13.27 -6.45 15.85
C ALA A 126 14.77 -6.22 16.07
N GLY A 127 15.35 -7.00 16.99
CA GLY A 127 16.71 -6.77 17.44
C GLY A 127 17.74 -7.63 16.70
N TRP A 128 17.29 -8.50 15.79
CA TRP A 128 18.22 -9.38 15.11
C TRP A 128 17.72 -9.73 13.71
N ASN A 129 16.67 -10.55 13.65
CA ASN A 129 16.21 -11.16 12.41
C ASN A 129 16.00 -10.12 11.33
N ILE A 130 15.26 -9.05 11.67
CA ILE A 130 14.97 -7.98 10.74
C ILE A 130 16.26 -7.25 10.35
N PRO A 131 16.98 -6.56 11.27
CA PRO A 131 18.19 -5.82 10.90
C PRO A 131 19.15 -6.71 10.10
N ILE A 132 19.52 -7.87 10.68
CA ILE A 132 20.52 -8.73 10.07
C ILE A 132 19.99 -9.26 8.74
N GLY A 133 18.67 -9.45 8.68
CA GLY A 133 17.99 -9.84 7.45
C GLY A 133 18.19 -8.83 6.33
N LEU A 134 17.98 -7.54 6.64
CA LEU A 134 18.19 -6.45 5.68
C LEU A 134 19.67 -6.34 5.32
N LEU A 135 20.55 -6.47 6.32
CA LEU A 135 21.98 -6.24 6.12
C LEU A 135 22.64 -7.49 5.51
N TYR A 136 21.81 -8.47 5.13
CA TYR A 136 22.33 -9.80 4.84
C TYR A 136 23.38 -9.76 3.74
N CYS A 137 23.14 -8.96 2.70
CA CYS A 137 24.00 -9.00 1.52
C CYS A 137 25.24 -8.15 1.71
N ASP A 138 25.29 -7.41 2.83
CA ASP A 138 26.42 -6.59 3.19
C ASP A 138 27.37 -7.38 4.09
N LEU A 139 26.93 -8.58 4.50
CA LEU A 139 27.72 -9.42 5.37
C LEU A 139 28.88 -10.03 4.58
N PRO A 140 30.11 -9.99 5.13
CA PRO A 140 31.28 -10.61 4.48
C PRO A 140 31.10 -12.11 4.32
N GLU A 141 31.56 -12.64 3.17
CA GLU A 141 31.43 -14.06 2.85
C GLU A 141 32.53 -14.84 3.56
N PRO A 142 32.28 -16.11 4.00
CA PRO A 142 30.97 -16.76 3.86
C PRO A 142 29.99 -16.33 4.95
N ARG A 143 28.70 -16.34 4.60
CA ARG A 143 27.68 -15.79 5.48
C ARG A 143 27.13 -16.87 6.40
N LYS A 144 27.69 -18.09 6.27
CA LYS A 144 27.36 -19.19 7.16
C LYS A 144 28.63 -19.64 7.89
N PRO A 145 28.66 -19.68 9.25
CA PRO A 145 27.52 -19.30 10.09
C PRO A 145 27.25 -17.80 10.12
N LEU A 146 25.97 -17.45 10.28
CA LEU A 146 25.54 -16.07 10.22
C LEU A 146 26.15 -15.29 11.39
N GLU A 147 26.31 -15.97 12.54
CA GLU A 147 26.90 -15.34 13.71
C GLU A 147 28.31 -14.85 13.40
N LYS A 148 29.05 -15.65 12.61
CA LYS A 148 30.43 -15.33 12.26
C LYS A 148 30.48 -14.09 11.36
N ALA A 149 29.65 -14.09 10.31
CA ALA A 149 29.66 -13.04 9.31
C ALA A 149 29.21 -11.71 9.91
N VAL A 150 28.44 -11.77 11.01
CA VAL A 150 27.95 -10.57 11.68
C VAL A 150 29.04 -10.02 12.59
N ALA A 151 29.81 -10.93 13.21
CA ALA A 151 30.92 -10.56 14.06
C ALA A 151 32.03 -9.92 13.21
N ASN A 152 32.03 -10.26 11.91
CA ASN A 152 32.98 -9.72 10.94
C ASN A 152 32.40 -8.50 10.21
N PHE A 153 31.17 -8.12 10.55
CA PHE A 153 30.54 -6.94 9.97
C PHE A 153 30.76 -5.76 10.91
N PHE A 154 30.05 -5.76 12.05
CA PHE A 154 30.27 -4.80 13.12
C PHE A 154 31.61 -5.10 13.79
N SER A 155 32.31 -4.02 14.16
CA SER A 155 33.60 -4.11 14.84
C SER A 155 33.43 -4.82 16.18
N GLY A 156 32.34 -4.49 16.88
CA GLY A 156 31.97 -5.10 18.14
C GLY A 156 30.50 -4.83 18.44
N SER A 157 29.89 -5.68 19.26
CA SER A 157 28.47 -5.52 19.56
C SER A 157 28.09 -6.19 20.88
N CYS A 158 26.87 -5.89 21.34
CA CYS A 158 26.21 -6.71 22.34
C CYS A 158 25.08 -7.47 21.66
N ALA A 159 25.30 -8.78 21.46
CA ALA A 159 24.25 -9.64 20.96
C ALA A 159 23.93 -10.70 22.00
N PRO A 160 23.00 -10.45 22.94
CA PRO A 160 22.61 -11.46 23.92
C PRO A 160 22.34 -12.81 23.26
N CYS A 161 22.77 -13.89 23.92
CA CYS A 161 22.52 -15.28 23.54
C CYS A 161 23.34 -15.65 22.31
N ALA A 162 24.24 -14.76 21.90
CA ALA A 162 25.20 -15.08 20.85
C ALA A 162 26.30 -15.95 21.44
N ASP A 163 26.93 -16.76 20.58
CA ASP A 163 28.05 -17.62 20.94
C ASP A 163 29.32 -16.77 21.04
N GLY A 164 29.53 -16.16 22.21
CA GLY A 164 30.66 -15.28 22.44
C GLY A 164 31.99 -16.03 22.46
N THR A 165 31.93 -17.33 22.79
CA THR A 165 33.12 -18.15 22.92
C THR A 165 33.84 -18.21 21.57
N ASP A 166 33.07 -18.43 20.49
CA ASP A 166 33.63 -18.56 19.16
C ASP A 166 33.72 -17.20 18.51
N PHE A 167 32.77 -16.31 18.82
CA PHE A 167 32.66 -15.03 18.14
C PHE A 167 32.65 -13.91 19.16
N PRO A 168 33.83 -13.59 19.77
CA PRO A 168 33.89 -12.66 20.91
C PRO A 168 33.43 -11.23 20.64
N GLN A 169 33.49 -10.82 19.36
CA GLN A 169 33.15 -9.46 18.96
C GLN A 169 31.66 -9.21 19.18
N LEU A 170 30.89 -10.29 19.39
CA LEU A 170 29.45 -10.21 19.58
C LEU A 170 29.13 -9.92 21.04
N CYS A 171 30.08 -10.22 21.92
CA CYS A 171 29.90 -10.08 23.35
C CYS A 171 30.78 -8.95 23.86
N GLN A 172 31.36 -8.19 22.93
CA GLN A 172 32.39 -7.22 23.27
C GLN A 172 31.82 -6.08 24.12
N LEU A 173 30.52 -5.81 24.00
CA LEU A 173 29.89 -4.70 24.72
C LEU A 173 29.20 -5.21 25.98
N CYS A 174 29.04 -6.53 26.07
CA CYS A 174 28.38 -7.22 27.18
C CYS A 174 28.98 -8.61 27.31
N PRO A 175 30.18 -8.74 27.92
CA PRO A 175 30.93 -10.00 27.90
C PRO A 175 30.16 -11.18 28.48
N GLY A 176 30.31 -12.35 27.84
CA GLY A 176 29.55 -13.54 28.21
C GLY A 176 28.23 -13.64 27.45
N CYS A 177 27.71 -12.49 26.99
CA CYS A 177 26.49 -12.38 26.22
C CYS A 177 25.29 -12.81 27.05
N GLY A 178 25.17 -12.22 28.25
CA GLY A 178 24.07 -12.50 29.14
C GLY A 178 22.76 -12.66 28.36
N CYS A 179 22.11 -13.81 28.55
CA CYS A 179 20.89 -14.13 27.83
C CYS A 179 19.69 -13.99 28.78
N SER A 180 19.93 -13.29 29.91
CA SER A 180 18.93 -12.97 30.91
C SER A 180 19.09 -11.51 31.31
N THR A 181 18.25 -11.06 32.24
CA THR A 181 18.24 -9.66 32.67
C THR A 181 19.31 -9.40 33.73
N LEU A 182 20.17 -10.40 34.00
CA LEU A 182 21.39 -10.10 34.73
C LEU A 182 22.28 -9.24 33.85
N ASN A 183 22.23 -9.51 32.53
CA ASN A 183 22.82 -8.64 31.53
C ASN A 183 22.02 -7.35 31.47
N GLN A 184 22.74 -6.23 31.52
CA GLN A 184 22.13 -4.90 31.57
C GLN A 184 21.71 -4.49 30.15
N TYR A 185 22.34 -5.10 29.14
CA TYR A 185 22.17 -4.71 27.75
C TYR A 185 21.27 -5.69 27.01
N PHE A 186 20.55 -6.51 27.79
CA PHE A 186 19.64 -7.52 27.27
C PHE A 186 18.20 -6.99 27.32
N GLY A 187 17.42 -7.32 26.27
CA GLY A 187 16.01 -7.01 26.24
C GLY A 187 15.77 -5.75 25.40
N TYR A 188 14.56 -5.19 25.50
CA TYR A 188 14.24 -3.97 24.78
C TYR A 188 14.96 -2.78 25.42
N SER A 189 14.64 -2.52 26.69
CA SER A 189 15.31 -1.49 27.47
C SER A 189 16.83 -1.73 27.49
N GLY A 190 17.22 -3.01 27.51
CA GLY A 190 18.61 -3.41 27.55
C GLY A 190 19.41 -2.87 26.37
N ALA A 191 18.98 -3.21 25.16
CA ALA A 191 19.67 -2.81 23.94
C ALA A 191 19.71 -1.28 23.86
N PHE A 192 18.59 -0.63 24.21
CA PHE A 192 18.54 0.82 24.17
C PHE A 192 19.54 1.41 25.15
N LYS A 193 19.66 0.78 26.33
CA LYS A 193 20.59 1.23 27.34
C LYS A 193 22.00 1.21 26.75
N CYS A 194 22.36 0.11 26.08
CA CYS A 194 23.63 -0.10 25.41
C CYS A 194 24.00 1.12 24.56
N LEU A 195 23.00 1.72 23.90
CA LEU A 195 23.23 2.87 23.03
C LEU A 195 23.41 4.13 23.87
N LYS A 196 22.47 4.35 24.80
CA LYS A 196 22.40 5.53 25.66
C LYS A 196 23.67 5.66 26.50
N ASP A 197 24.11 4.53 27.08
CA ASP A 197 25.29 4.48 27.92
C ASP A 197 26.54 4.65 27.07
N GLY A 198 26.33 4.86 25.77
CA GLY A 198 27.37 5.19 24.81
C GLY A 198 28.31 4.01 24.53
N ALA A 199 27.80 2.79 24.73
CA ALA A 199 28.58 1.60 24.44
C ALA A 199 28.59 1.36 22.93
N GLY A 200 27.39 1.42 22.34
CA GLY A 200 27.19 1.14 20.93
C GLY A 200 26.64 2.36 20.20
N ASP A 201 26.84 2.35 18.87
CA ASP A 201 26.59 3.47 17.96
C ASP A 201 25.14 3.43 17.47
N VAL A 202 24.59 2.21 17.37
CA VAL A 202 23.23 1.95 16.91
C VAL A 202 22.62 0.81 17.75
N ALA A 203 21.30 0.90 17.99
CA ALA A 203 20.58 -0.12 18.74
C ALA A 203 19.27 -0.47 18.03
N PHE A 204 19.10 -1.77 17.74
CA PHE A 204 17.95 -2.25 17.00
C PHE A 204 16.82 -2.61 17.99
N VAL A 205 15.73 -1.84 17.92
CA VAL A 205 14.67 -1.90 18.92
C VAL A 205 13.31 -1.60 18.29
N LYS A 206 12.25 -1.76 19.10
CA LYS A 206 10.90 -1.40 18.71
C LYS A 206 10.76 0.12 18.74
N HIS A 207 9.78 0.61 17.98
CA HIS A 207 9.49 2.02 17.83
C HIS A 207 9.24 2.65 19.20
N SER A 208 8.76 1.82 20.14
CA SER A 208 8.21 2.27 21.40
C SER A 208 9.27 2.28 22.51
N THR A 209 10.34 1.50 22.32
CA THR A 209 11.37 1.33 23.34
C THR A 209 11.90 2.69 23.80
N ILE A 210 12.17 3.56 22.83
CA ILE A 210 12.76 4.87 23.06
C ILE A 210 11.87 5.71 23.98
N PHE A 211 10.54 5.62 23.79
CA PHE A 211 9.58 6.44 24.52
C PHE A 211 9.36 5.91 25.93
N GLU A 212 9.63 4.61 26.15
CA GLU A 212 9.36 3.98 27.43
C GLU A 212 10.53 4.16 28.38
N ASN A 213 11.68 4.62 27.84
CA ASN A 213 12.93 4.66 28.58
C ASN A 213 13.50 6.07 28.62
N LEU A 214 12.67 7.07 28.24
CA LEU A 214 13.02 8.47 28.27
C LEU A 214 11.76 9.31 28.40
N ALA A 215 11.52 9.84 29.60
CA ALA A 215 10.32 10.58 29.92
C ALA A 215 10.23 11.86 29.08
N ASN A 216 11.26 12.71 29.17
CA ASN A 216 11.19 14.08 28.67
C ASN A 216 11.61 14.14 27.21
N LYS A 217 10.85 14.90 26.42
CA LYS A 217 11.09 15.10 25.00
C LYS A 217 12.50 15.64 24.78
N ALA A 218 12.96 16.48 25.73
CA ALA A 218 14.28 17.11 25.69
C ALA A 218 15.37 16.06 25.48
N ASP A 219 15.20 14.89 26.11
CA ASP A 219 16.19 13.82 26.10
C ASP A 219 16.09 13.03 24.80
N ARG A 220 14.88 12.95 24.24
CA ARG A 220 14.60 12.12 23.07
C ARG A 220 15.12 12.81 21.80
N ASP A 221 15.46 14.10 21.95
CA ASP A 221 15.92 14.92 20.84
C ASP A 221 17.41 14.66 20.58
N GLN A 222 18.03 13.86 21.46
CA GLN A 222 19.43 13.48 21.33
C GLN A 222 19.55 12.31 20.36
N TYR A 223 18.39 11.83 19.87
CA TYR A 223 18.29 10.55 19.20
C TYR A 223 17.61 10.69 17.85
N GLU A 224 18.09 9.90 16.89
CA GLU A 224 17.53 9.84 15.54
C GLU A 224 17.24 8.37 15.18
N LEU A 225 16.54 8.19 14.06
CA LEU A 225 16.31 6.89 13.47
C LEU A 225 17.00 6.84 12.11
N LEU A 226 17.62 5.70 11.81
CA LEU A 226 18.15 5.44 10.48
C LEU A 226 16.99 4.97 9.60
N CYS A 227 16.71 5.73 8.53
CA CYS A 227 15.76 5.30 7.52
C CYS A 227 16.51 4.45 6.50
N LEU A 228 15.78 3.60 5.77
CA LEU A 228 16.36 2.67 4.83
C LEU A 228 16.84 3.37 3.57
N ASP A 229 16.41 4.63 3.40
CA ASP A 229 16.78 5.47 2.25
C ASP A 229 18.08 6.20 2.54
N ASN A 230 18.66 5.93 3.71
CA ASN A 230 19.92 6.49 4.18
C ASN A 230 19.78 7.99 4.44
N THR A 231 18.63 8.38 5.02
CA THR A 231 18.51 9.64 5.73
C THR A 231 18.27 9.30 7.20
N ARG A 232 18.32 10.31 8.07
CA ARG A 232 17.87 10.14 9.45
C ARG A 232 16.58 10.92 9.67
N LYS A 233 15.91 10.65 10.79
CA LYS A 233 14.66 11.32 11.14
C LYS A 233 14.48 11.31 12.66
N PRO A 234 13.72 12.27 13.24
CA PRO A 234 13.39 12.27 14.67
C PRO A 234 12.72 10.95 15.07
N VAL A 235 12.78 10.63 16.36
CA VAL A 235 12.31 9.35 16.88
C VAL A 235 10.79 9.27 16.80
N ASP A 236 10.13 10.43 16.66
CA ASP A 236 8.69 10.52 16.69
C ASP A 236 8.12 10.06 15.34
N GLU A 237 8.96 10.09 14.31
CA GLU A 237 8.54 9.79 12.95
C GLU A 237 8.96 8.37 12.58
N TYR A 238 8.65 7.43 13.48
CA TYR A 238 9.07 6.04 13.34
C TYR A 238 8.27 5.38 12.24
N LYS A 239 7.15 6.00 11.86
CA LYS A 239 6.22 5.40 10.91
C LYS A 239 6.67 5.68 9.48
N ASP A 240 7.61 6.62 9.33
CA ASP A 240 8.17 6.98 8.02
C ASP A 240 9.64 6.57 7.98
N CYS A 241 10.17 6.19 9.14
CA CYS A 241 11.59 5.87 9.27
C CYS A 241 11.72 4.64 10.15
N HIS A 242 11.60 3.46 9.52
CA HIS A 242 11.68 2.19 10.22
C HIS A 242 12.36 1.16 9.32
N LEU A 243 12.75 0.03 9.93
CA LEU A 243 13.33 -1.09 9.22
C LEU A 243 12.23 -2.00 8.68
N ALA A 244 11.13 -2.12 9.44
CA ALA A 244 10.06 -3.05 9.13
C ALA A 244 8.83 -2.71 9.95
N GLN A 245 7.66 -3.16 9.48
CA GLN A 245 6.41 -3.04 10.21
C GLN A 245 5.84 -4.43 10.41
N VAL A 246 5.69 -4.82 11.69
CA VAL A 246 5.50 -6.21 12.03
C VAL A 246 4.15 -6.39 12.70
N PRO A 247 3.30 -7.33 12.20
CA PRO A 247 2.00 -7.62 12.81
C PRO A 247 2.27 -8.48 14.04
N SER A 248 1.60 -8.14 15.15
CA SER A 248 1.89 -8.76 16.44
C SER A 248 1.45 -10.22 16.49
N HIS A 249 0.15 -10.46 16.26
CA HIS A 249 -0.40 -11.80 16.33
C HIS A 249 -1.56 -11.89 15.35
N THR A 250 -1.44 -12.82 14.39
CA THR A 250 -2.35 -12.89 13.25
C THR A 250 -2.98 -14.27 13.17
N VAL A 251 -4.32 -14.31 13.10
CA VAL A 251 -5.04 -15.52 12.72
C VAL A 251 -4.91 -15.71 11.21
N VAL A 252 -4.64 -16.95 10.78
CA VAL A 252 -4.42 -17.23 9.37
C VAL A 252 -5.33 -18.36 8.90
N ALA A 253 -5.76 -18.24 7.64
CA ALA A 253 -6.66 -19.19 7.00
C ALA A 253 -6.12 -19.56 5.63
N ARG A 254 -6.72 -20.60 5.02
CA ARG A 254 -6.51 -20.96 3.63
C ARG A 254 -6.80 -19.76 2.73
N SER A 255 -5.99 -19.58 1.69
CA SER A 255 -6.13 -18.47 0.77
C SER A 255 -7.50 -18.49 0.10
N MET A 256 -7.84 -19.64 -0.50
CA MET A 256 -9.14 -19.90 -1.07
C MET A 256 -9.75 -21.11 -0.36
N GLY A 257 -11.01 -20.98 0.05
CA GLY A 257 -11.69 -22.08 0.70
C GLY A 257 -11.47 -22.05 2.21
N GLY A 258 -10.78 -21.01 2.69
CA GLY A 258 -10.74 -20.69 4.11
C GLY A 258 -12.13 -20.31 4.61
N LYS A 259 -12.26 -20.08 5.91
CA LYS A 259 -13.56 -19.63 6.39
C LYS A 259 -13.47 -18.20 6.92
N GLU A 260 -12.67 -17.36 6.25
CA GLU A 260 -12.41 -15.99 6.68
C GLU A 260 -13.64 -15.45 7.41
N ASP A 261 -14.73 -15.36 6.66
CA ASP A 261 -16.03 -14.83 7.06
C ASP A 261 -16.49 -15.50 8.35
N LEU A 262 -16.49 -16.84 8.35
CA LEU A 262 -16.99 -17.62 9.48
C LEU A 262 -16.04 -17.47 10.67
N ILE A 263 -14.73 -17.47 10.37
CA ILE A 263 -13.70 -17.29 11.38
C ILE A 263 -13.95 -15.96 12.09
N TRP A 264 -14.16 -14.90 11.30
CA TRP A 264 -14.39 -13.58 11.85
C TRP A 264 -15.65 -13.59 12.71
N GLU A 265 -16.74 -14.15 12.18
CA GLU A 265 -18.02 -14.20 12.86
C GLU A 265 -17.84 -14.83 14.24
N LEU A 266 -17.09 -15.95 14.29
CA LEU A 266 -16.88 -16.68 15.53
C LEU A 266 -16.11 -15.82 16.52
N LEU A 267 -14.96 -15.29 16.07
CA LEU A 267 -14.05 -14.56 16.92
C LEU A 267 -14.70 -13.26 17.39
N ASN A 268 -15.65 -12.76 16.58
CA ASN A 268 -16.28 -11.49 16.87
C ASN A 268 -17.26 -11.70 18.02
N GLN A 269 -18.19 -12.65 17.82
CA GLN A 269 -19.10 -13.11 18.85
C GLN A 269 -18.30 -13.50 20.10
N ALA A 270 -17.13 -14.11 19.87
CA ALA A 270 -16.26 -14.59 20.93
C ALA A 270 -15.81 -13.43 21.81
N GLN A 271 -15.34 -12.35 21.18
CA GLN A 271 -14.80 -11.21 21.91
C GLN A 271 -15.96 -10.43 22.52
N GLU A 272 -17.12 -10.51 21.87
CA GLU A 272 -18.32 -9.84 22.33
C GLU A 272 -18.69 -10.34 23.72
N HIS A 273 -18.76 -11.67 23.90
CA HIS A 273 -19.29 -12.24 25.12
C HIS A 273 -18.18 -12.57 26.12
N PHE A 274 -16.95 -12.78 25.63
CA PHE A 274 -15.87 -13.33 26.44
C PHE A 274 -14.59 -12.53 26.33
N GLY A 275 -14.66 -11.37 25.65
CA GLY A 275 -13.49 -10.52 25.42
C GLY A 275 -13.04 -9.78 26.68
N LYS A 276 -12.27 -8.71 26.47
CA LYS A 276 -11.70 -7.88 27.53
C LYS A 276 -12.83 -7.37 28.42
N ASP A 277 -12.64 -7.53 29.74
CA ASP A 277 -13.56 -7.07 30.77
C ASP A 277 -15.01 -7.43 30.43
N LYS A 278 -15.25 -8.70 30.10
CA LYS A 278 -16.60 -9.18 29.93
C LYS A 278 -17.00 -10.00 31.16
N SER A 279 -16.03 -10.15 32.08
CA SER A 279 -16.22 -10.52 33.48
C SER A 279 -16.89 -11.87 33.65
N LYS A 280 -16.87 -12.71 32.60
CA LYS A 280 -17.51 -14.01 32.66
C LYS A 280 -16.63 -14.98 33.44
N GLU A 281 -17.01 -16.27 33.42
CA GLU A 281 -16.19 -17.33 33.99
C GLU A 281 -15.10 -17.70 32.98
N PHE A 282 -15.41 -17.51 31.69
CA PHE A 282 -14.47 -17.74 30.61
C PHE A 282 -13.95 -16.41 30.07
N GLN A 283 -12.63 -16.21 30.14
CA GLN A 283 -11.94 -15.12 29.46
C GLN A 283 -11.24 -15.65 28.22
N LEU A 284 -11.31 -14.89 27.13
CA LEU A 284 -10.76 -15.30 25.85
C LEU A 284 -9.27 -15.00 25.81
N PHE A 285 -8.83 -14.03 26.63
CA PHE A 285 -7.45 -13.56 26.65
C PHE A 285 -6.84 -13.84 28.01
N SER A 286 -7.26 -14.95 28.62
CA SER A 286 -6.73 -15.44 29.86
C SER A 286 -7.00 -16.94 29.97
N SER A 287 -6.04 -17.68 30.55
CA SER A 287 -6.30 -19.06 30.89
C SER A 287 -5.53 -19.41 32.16
N PRO A 288 -6.18 -20.08 33.14
CA PRO A 288 -5.51 -20.56 34.34
C PRO A 288 -4.47 -21.64 34.02
N HIS A 289 -4.64 -22.28 32.86
CA HIS A 289 -3.84 -23.41 32.42
C HIS A 289 -2.39 -22.98 32.14
N GLY A 290 -2.24 -21.82 31.51
CA GLY A 290 -0.92 -21.32 31.16
C GLY A 290 -0.92 -19.83 30.91
N LYS A 291 -0.26 -19.44 29.79
CA LYS A 291 0.02 -18.06 29.49
C LYS A 291 0.17 -17.93 27.96
N ASP A 292 -0.62 -17.02 27.37
CA ASP A 292 -0.60 -16.71 25.95
C ASP A 292 -1.19 -17.87 25.13
N LEU A 293 -2.18 -18.56 25.71
CA LEU A 293 -2.81 -19.72 25.09
C LEU A 293 -3.84 -19.27 24.05
N LEU A 294 -3.58 -19.61 22.78
CA LEU A 294 -4.45 -19.36 21.63
C LEU A 294 -4.26 -17.94 21.11
N PHE A 295 -4.14 -17.00 22.05
CA PHE A 295 -4.06 -15.57 21.80
C PHE A 295 -3.19 -14.94 22.89
N LYS A 296 -2.44 -13.88 22.55
CA LYS A 296 -1.67 -13.18 23.58
C LYS A 296 -2.62 -12.68 24.67
N ASP A 297 -2.23 -12.89 25.93
CA ASP A 297 -3.02 -12.51 27.09
C ASP A 297 -3.16 -11.00 27.14
N SER A 298 -2.22 -10.31 26.48
CA SER A 298 -2.14 -8.86 26.50
C SER A 298 -3.10 -8.24 25.49
N ALA A 299 -3.82 -9.07 24.72
CA ALA A 299 -4.70 -8.57 23.67
C ALA A 299 -5.92 -7.87 24.29
N HIS A 300 -6.55 -7.00 23.48
CA HIS A 300 -7.73 -6.26 23.88
C HIS A 300 -8.92 -6.60 22.97
N GLY A 301 -8.70 -7.50 22.00
CA GLY A 301 -9.73 -7.88 21.04
C GLY A 301 -9.18 -8.08 19.63
N PHE A 302 -10.10 -8.26 18.67
CA PHE A 302 -9.76 -8.63 17.30
C PHE A 302 -10.30 -7.60 16.31
N LEU A 303 -9.51 -7.34 15.26
CA LEU A 303 -9.96 -6.61 14.08
C LEU A 303 -9.99 -7.57 12.90
N LYS A 304 -10.99 -7.43 12.02
CA LYS A 304 -10.98 -8.19 10.79
C LYS A 304 -9.93 -7.59 9.85
N VAL A 305 -9.10 -8.47 9.27
CA VAL A 305 -8.13 -8.09 8.25
C VAL A 305 -8.88 -7.78 6.96
N PRO A 306 -8.68 -6.57 6.37
CA PRO A 306 -9.31 -6.20 5.10
C PRO A 306 -9.02 -7.22 4.00
N PRO A 307 -10.02 -7.60 3.16
CA PRO A 307 -9.95 -8.80 2.33
C PRO A 307 -8.95 -8.73 1.19
N ARG A 308 -8.60 -7.51 0.77
CA ARG A 308 -7.67 -7.26 -0.31
C ARG A 308 -6.27 -7.70 0.09
N MET A 309 -6.07 -7.93 1.39
CA MET A 309 -4.76 -8.12 2.00
C MET A 309 -4.29 -9.54 1.73
N ASP A 310 -3.25 -9.68 0.89
CA ASP A 310 -2.53 -10.94 0.80
C ASP A 310 -1.45 -10.96 1.89
N ALA A 311 -0.71 -12.06 1.98
CA ALA A 311 0.28 -12.24 3.03
C ALA A 311 1.44 -11.24 2.87
N LYS A 312 1.98 -11.13 1.65
CA LYS A 312 3.12 -10.28 1.34
C LYS A 312 2.80 -8.81 1.62
N MET A 313 1.56 -8.41 1.37
CA MET A 313 1.15 -7.03 1.51
C MET A 313 1.03 -6.70 3.01
N TYR A 314 0.64 -7.72 3.79
CA TYR A 314 0.36 -7.57 5.20
C TYR A 314 1.66 -7.41 5.99
N LEU A 315 2.66 -8.21 5.59
CA LEU A 315 3.96 -8.20 6.25
C LEU A 315 4.72 -6.93 5.85
N GLY A 316 4.54 -6.52 4.57
CA GLY A 316 5.24 -5.36 4.05
C GLY A 316 6.51 -5.79 3.31
N TYR A 317 6.97 -4.90 2.41
CA TYR A 317 8.08 -5.21 1.53
C TYR A 317 9.34 -5.48 2.36
N GLU A 318 9.67 -4.53 3.25
CA GLU A 318 10.84 -4.56 4.11
C GLU A 318 10.95 -5.90 4.84
N TYR A 319 9.83 -6.29 5.48
CA TYR A 319 9.82 -7.50 6.28
C TYR A 319 10.16 -8.69 5.39
N VAL A 320 9.31 -8.93 4.38
CA VAL A 320 9.47 -10.00 3.41
C VAL A 320 10.92 -10.06 2.93
N THR A 321 11.48 -8.88 2.57
CA THR A 321 12.84 -8.81 2.10
C THR A 321 13.79 -9.44 3.11
N ALA A 322 13.75 -8.94 4.36
CA ALA A 322 14.70 -9.31 5.41
C ALA A 322 14.60 -10.80 5.73
N ILE A 323 13.36 -11.24 6.01
CA ILE A 323 13.10 -12.58 6.47
C ILE A 323 13.37 -13.58 5.34
N ARG A 324 13.25 -13.12 4.09
CA ARG A 324 13.53 -13.92 2.92
C ARG A 324 15.04 -14.17 2.82
N ASN A 325 15.83 -13.10 2.99
CA ASN A 325 17.28 -13.20 2.95
C ASN A 325 17.76 -14.19 4.01
N LEU A 326 17.24 -14.05 5.24
CA LEU A 326 17.52 -14.96 6.33
C LEU A 326 17.22 -16.39 5.90
N ARG A 327 16.01 -16.62 5.39
CA ARG A 327 15.52 -17.95 5.10
C ARG A 327 16.20 -18.56 3.88
N GLU A 328 16.29 -17.82 2.77
CA GLU A 328 16.91 -18.33 1.55
C GLU A 328 18.43 -18.21 1.64
N GLY A 329 18.92 -16.99 1.90
CA GLY A 329 20.35 -16.71 1.90
C GLY A 329 20.91 -16.69 0.48
N THR A 330 20.50 -15.70 -0.30
CA THR A 330 20.85 -15.59 -1.71
C THR A 330 21.13 -14.13 -2.06
N CYS A 331 22.37 -13.84 -2.43
CA CYS A 331 22.76 -12.49 -2.80
C CYS A 331 23.24 -12.48 -4.25
N PRO A 332 23.11 -11.32 -4.97
CA PRO A 332 23.75 -11.16 -6.27
C PRO A 332 25.28 -11.00 -6.14
N ASP A 337 26.73 -4.29 -8.67
CA ASP A 337 25.83 -4.21 -9.86
C ASP A 337 24.97 -2.96 -9.77
N GLU A 338 24.48 -2.49 -10.93
CA GLU A 338 23.64 -1.31 -11.01
C GLU A 338 22.20 -1.73 -11.30
N CYS A 339 21.54 -0.98 -12.19
CA CYS A 339 20.10 -1.15 -12.44
C CYS A 339 19.85 -2.28 -13.42
N LYS A 340 19.19 -3.33 -12.91
CA LYS A 340 18.78 -4.48 -13.68
C LYS A 340 17.58 -4.07 -14.55
N PRO A 341 16.87 -5.03 -15.20
CA PRO A 341 15.62 -4.72 -15.89
C PRO A 341 14.60 -4.01 -15.00
N VAL A 342 13.80 -3.12 -15.60
CA VAL A 342 12.67 -2.50 -14.92
C VAL A 342 11.40 -3.24 -15.30
N LYS A 343 10.81 -3.94 -14.32
CA LYS A 343 9.56 -4.67 -14.51
C LYS A 343 8.39 -3.68 -14.52
N TRP A 344 7.81 -3.46 -15.72
CA TRP A 344 6.74 -2.49 -15.90
C TRP A 344 5.39 -3.20 -15.87
N CYS A 345 4.39 -2.55 -15.25
CA CYS A 345 3.09 -3.18 -15.05
C CYS A 345 2.11 -2.77 -16.12
N ALA A 346 1.60 -3.79 -16.84
CA ALA A 346 0.66 -3.63 -17.94
C ALA A 346 -0.74 -4.09 -17.52
N LEU A 347 -1.75 -3.24 -17.75
CA LEU A 347 -3.12 -3.51 -17.37
C LEU A 347 -3.76 -4.50 -18.34
N SER A 348 -3.81 -4.12 -19.62
CA SER A 348 -4.60 -4.82 -20.62
C SER A 348 -3.72 -5.73 -21.47
N HIS A 349 -4.39 -6.49 -22.35
CA HIS A 349 -3.74 -7.28 -23.38
C HIS A 349 -3.07 -6.36 -24.40
N HIS A 350 -3.69 -5.19 -24.65
CA HIS A 350 -3.18 -4.24 -25.61
C HIS A 350 -2.00 -3.46 -25.02
N GLU A 351 -2.06 -3.22 -23.70
CA GLU A 351 -0.95 -2.62 -22.97
C GLU A 351 0.23 -3.59 -22.94
N ARG A 352 -0.08 -4.88 -22.73
CA ARG A 352 0.93 -5.92 -22.68
C ARG A 352 1.68 -6.02 -24.00
N LEU A 353 0.95 -5.87 -25.12
CA LEU A 353 1.52 -5.95 -26.45
C LEU A 353 2.51 -4.80 -26.67
N LYS A 354 2.10 -3.57 -26.30
CA LYS A 354 2.94 -2.40 -26.44
C LYS A 354 4.17 -2.54 -25.54
N CYS A 355 4.03 -3.31 -24.47
CA CYS A 355 5.07 -3.46 -23.47
C CYS A 355 6.13 -4.47 -23.95
N ASP A 356 5.69 -5.49 -24.70
CA ASP A 356 6.58 -6.51 -25.23
C ASP A 356 7.50 -5.91 -26.30
N GLU A 357 6.99 -4.91 -27.03
CA GLU A 357 7.76 -4.18 -28.02
C GLU A 357 8.85 -3.36 -27.32
N TRP A 358 8.44 -2.56 -26.33
CA TRP A 358 9.32 -1.73 -25.52
C TRP A 358 10.42 -2.58 -24.88
N SER A 359 10.03 -3.79 -24.45
CA SER A 359 10.92 -4.71 -23.76
C SER A 359 12.14 -5.03 -24.63
N VAL A 360 11.88 -5.59 -25.81
CA VAL A 360 12.90 -6.22 -26.63
C VAL A 360 13.71 -5.17 -27.39
N ASN A 361 13.27 -3.91 -27.34
CA ASN A 361 13.97 -2.80 -27.97
C ASN A 361 15.10 -2.30 -27.09
N SER A 362 14.84 -2.22 -25.78
CA SER A 362 15.84 -1.87 -24.79
C SER A 362 16.82 -3.03 -24.60
N VAL A 363 16.50 -4.17 -25.23
CA VAL A 363 17.24 -5.43 -25.15
C VAL A 363 17.39 -5.84 -23.70
N GLY A 364 16.26 -6.11 -23.04
CA GLY A 364 16.24 -6.68 -21.69
C GLY A 364 16.13 -5.62 -20.59
N LYS A 365 16.41 -4.35 -20.93
CA LYS A 365 16.46 -3.28 -19.94
C LYS A 365 15.07 -2.85 -19.47
N ILE A 366 14.02 -3.39 -20.13
CA ILE A 366 12.64 -3.30 -19.68
C ILE A 366 12.03 -4.71 -19.76
N GLU A 367 11.28 -5.09 -18.73
CA GLU A 367 10.52 -6.32 -18.74
C GLU A 367 9.06 -6.00 -18.40
N CYS A 368 8.17 -6.97 -18.65
CA CYS A 368 6.74 -6.70 -18.56
C CYS A 368 6.03 -7.73 -17.68
N VAL A 369 5.61 -7.27 -16.49
CA VAL A 369 4.64 -8.00 -15.69
C VAL A 369 3.29 -7.33 -15.92
N SER A 370 2.22 -8.14 -15.97
CA SER A 370 0.90 -7.59 -16.21
C SER A 370 -0.12 -8.13 -15.21
N ALA A 371 -1.09 -7.28 -14.84
CA ALA A 371 -2.14 -7.61 -13.89
C ALA A 371 -3.46 -7.02 -14.37
N GLU A 372 -4.58 -7.60 -13.90
CA GLU A 372 -5.93 -7.29 -14.36
C GLU A 372 -6.26 -5.82 -14.17
N THR A 373 -6.47 -5.39 -12.91
CA THR A 373 -6.85 -4.02 -12.63
C THR A 373 -5.61 -3.17 -12.34
N THR A 374 -5.83 -1.88 -12.06
CA THR A 374 -4.73 -0.98 -11.72
C THR A 374 -4.26 -1.28 -10.30
N GLU A 375 -5.22 -1.56 -9.40
CA GLU A 375 -4.90 -1.81 -8.01
C GLU A 375 -4.09 -3.09 -7.89
N ASP A 376 -4.35 -4.05 -8.79
CA ASP A 376 -3.59 -5.29 -8.88
C ASP A 376 -2.14 -4.97 -9.24
N CYS A 377 -1.97 -3.92 -10.07
CA CYS A 377 -0.65 -3.52 -10.51
C CYS A 377 0.12 -2.81 -9.39
N ILE A 378 -0.55 -1.86 -8.72
CA ILE A 378 0.01 -1.15 -7.58
C ILE A 378 0.53 -2.15 -6.56
N ALA A 379 -0.33 -3.12 -6.19
CA ALA A 379 0.01 -4.17 -5.26
C ALA A 379 1.29 -4.92 -5.69
N LYS A 380 1.48 -5.12 -7.00
CA LYS A 380 2.64 -5.84 -7.50
C LYS A 380 3.91 -4.99 -7.40
N ILE A 381 3.78 -3.69 -7.68
CA ILE A 381 4.89 -2.77 -7.48
C ILE A 381 5.28 -2.77 -6.01
N MET A 382 4.26 -2.67 -5.15
CA MET A 382 4.40 -2.59 -3.71
C MET A 382 5.29 -3.73 -3.21
N ASN A 383 4.96 -4.96 -3.62
CA ASN A 383 5.59 -6.15 -3.05
C ASN A 383 6.68 -6.67 -3.97
N GLY A 384 7.03 -5.87 -4.98
CA GLY A 384 8.23 -6.09 -5.78
C GLY A 384 8.10 -7.21 -6.81
N GLU A 385 6.86 -7.52 -7.22
CA GLU A 385 6.66 -8.37 -8.38
C GLU A 385 6.80 -7.52 -9.65
N ALA A 386 6.48 -6.23 -9.52
CA ALA A 386 6.63 -5.22 -10.56
C ALA A 386 7.35 -4.00 -9.99
N ASP A 387 7.91 -3.17 -10.87
CA ASP A 387 8.82 -2.09 -10.47
C ASP A 387 8.16 -0.72 -10.63
N ALA A 388 7.55 -0.45 -11.80
CA ALA A 388 6.96 0.86 -12.07
C ALA A 388 5.79 0.76 -13.04
N MET A 389 4.89 1.75 -12.95
CA MET A 389 3.83 1.99 -13.91
C MET A 389 3.42 3.47 -13.82
N SER A 390 2.60 3.90 -14.79
CA SER A 390 2.11 5.26 -14.85
C SER A 390 0.69 5.35 -14.31
N LEU A 391 0.43 6.38 -13.49
CA LEU A 391 -0.85 6.50 -12.80
C LEU A 391 -1.48 7.86 -13.08
N ASP A 392 -2.81 7.92 -12.95
CA ASP A 392 -3.53 9.15 -12.74
C ASP A 392 -3.12 9.72 -11.38
N GLY A 393 -3.37 11.01 -11.18
CA GLY A 393 -3.09 11.67 -9.91
C GLY A 393 -3.82 11.04 -8.72
N GLY A 394 -5.04 10.55 -8.97
CA GLY A 394 -5.85 9.92 -7.93
C GLY A 394 -5.34 8.54 -7.55
N PHE A 395 -4.67 7.87 -8.50
CA PHE A 395 -4.03 6.59 -8.23
C PHE A 395 -2.69 6.81 -7.53
N VAL A 396 -1.98 7.87 -7.94
CA VAL A 396 -0.74 8.32 -7.32
C VAL A 396 -0.96 8.54 -5.82
N TYR A 397 -2.10 9.16 -5.48
CA TYR A 397 -2.52 9.32 -4.09
C TYR A 397 -2.55 7.96 -3.41
N ILE A 398 -3.28 7.02 -4.01
CA ILE A 398 -3.43 5.69 -3.45
C ILE A 398 -2.06 5.00 -3.37
N ALA A 399 -1.33 4.98 -4.48
CA ALA A 399 -0.01 4.34 -4.54
C ALA A 399 0.89 4.92 -3.47
N GLY A 400 0.68 6.21 -3.15
CA GLY A 400 1.43 6.88 -2.11
C GLY A 400 1.07 6.38 -0.71
N LYS A 401 -0.24 6.39 -0.41
CA LYS A 401 -0.80 5.89 0.84
C LYS A 401 -0.38 4.44 1.09
N CYS A 402 0.21 3.83 0.06
CA CYS A 402 0.68 2.45 0.10
C CYS A 402 2.20 2.42 0.11
N GLY A 403 2.83 3.60 0.07
CA GLY A 403 4.26 3.75 0.26
C GLY A 403 5.06 3.81 -1.03
N LEU A 404 4.37 3.81 -2.19
CA LEU A 404 5.07 4.03 -3.45
C LEU A 404 5.22 5.54 -3.65
N VAL A 405 6.25 5.94 -4.40
CA VAL A 405 6.56 7.35 -4.57
C VAL A 405 6.61 7.69 -6.06
N PRO A 406 6.24 8.93 -6.46
CA PRO A 406 6.39 9.40 -7.84
C PRO A 406 7.84 9.69 -8.21
N VAL A 407 8.15 9.56 -9.51
CA VAL A 407 9.51 9.65 -10.00
C VAL A 407 9.58 10.66 -11.14
N LEU A 408 8.73 10.45 -12.15
CA LEU A 408 8.68 11.24 -13.38
C LEU A 408 7.22 11.52 -13.72
N ALA A 409 6.90 12.80 -13.94
CA ALA A 409 5.59 13.21 -14.44
C ALA A 409 5.56 13.12 -15.95
N GLU A 410 4.40 12.74 -16.50
CA GLU A 410 4.15 12.82 -17.93
C GLU A 410 3.90 14.27 -18.29
N ASN A 411 4.50 14.75 -19.38
CA ASN A 411 4.34 16.14 -19.81
C ASN A 411 3.59 16.19 -21.14
N TYR A 412 2.72 17.21 -21.27
CA TYR A 412 1.83 17.37 -22.42
C TYR A 412 2.26 18.58 -23.24
N ASN A 413 2.96 19.52 -22.60
CA ASN A 413 3.28 20.83 -23.16
C ASN A 413 4.77 20.91 -23.48
N LYS A 414 5.10 21.65 -24.54
CA LYS A 414 6.49 22.01 -24.85
C LYS A 414 6.66 23.53 -24.63
N CYS A 418 11.95 20.83 -21.98
CA CYS A 418 10.91 19.88 -21.53
C CYS A 418 11.31 19.29 -20.18
N GLU A 419 12.38 18.49 -20.20
CA GLU A 419 12.85 17.66 -19.10
C GLU A 419 12.54 18.32 -17.74
N ASP A 420 13.03 19.55 -17.53
CA ASP A 420 12.80 20.28 -16.30
C ASP A 420 11.59 21.19 -16.48
N THR A 421 10.46 20.80 -15.86
CA THR A 421 9.25 21.60 -15.84
C THR A 421 8.38 21.21 -14.65
N PRO A 422 8.32 22.06 -13.59
CA PRO A 422 7.24 21.97 -12.60
C PRO A 422 5.95 22.56 -13.16
N GLU A 423 4.81 22.27 -12.49
CA GLU A 423 3.48 22.62 -12.95
C GLU A 423 3.13 21.78 -14.18
N ALA A 424 2.87 22.44 -15.32
CA ALA A 424 2.62 21.82 -16.63
C ALA A 424 1.45 20.84 -16.60
N GLY A 425 0.58 20.97 -15.59
CA GLY A 425 -0.54 20.06 -15.39
C GLY A 425 -1.76 20.45 -16.23
N TYR A 426 -2.73 19.53 -16.33
CA TYR A 426 -3.93 19.74 -17.13
C TYR A 426 -4.99 20.49 -16.31
N PHE A 427 -6.17 20.68 -16.90
CA PHE A 427 -7.25 21.48 -16.33
C PHE A 427 -8.51 20.65 -16.16
N ALA A 428 -9.07 20.66 -14.94
CA ALA A 428 -10.35 20.03 -14.68
C ALA A 428 -11.46 20.98 -15.10
N ILE A 429 -12.34 20.47 -15.98
CA ILE A 429 -13.32 21.28 -16.70
C ILE A 429 -14.70 20.64 -16.54
N ALA A 430 -15.73 21.49 -16.42
CA ALA A 430 -17.11 21.04 -16.41
C ALA A 430 -17.80 21.40 -17.73
N VAL A 431 -17.96 20.39 -18.59
CA VAL A 431 -18.45 20.54 -19.95
C VAL A 431 -19.97 20.33 -19.99
N VAL A 432 -20.66 21.28 -20.65
CA VAL A 432 -22.11 21.23 -20.84
C VAL A 432 -22.43 21.34 -22.34
N LYS A 433 -23.71 21.14 -22.68
CA LYS A 433 -24.22 21.42 -24.01
C LYS A 433 -24.64 22.89 -24.05
N LYS A 434 -24.29 23.58 -25.16
CA LYS A 434 -24.50 25.01 -25.29
C LYS A 434 -25.97 25.35 -25.05
N SER A 435 -26.86 24.55 -25.65
CA SER A 435 -28.29 24.87 -25.73
C SER A 435 -28.88 25.17 -24.36
N ALA A 436 -28.75 24.23 -23.40
CA ALA A 436 -29.30 24.41 -22.08
C ALA A 436 -28.49 25.48 -21.32
N SER A 437 -28.95 26.74 -21.41
CA SER A 437 -28.25 27.89 -20.89
C SER A 437 -28.56 28.11 -19.40
N ASP A 438 -29.49 27.30 -18.88
CA ASP A 438 -29.93 27.38 -17.50
C ASP A 438 -28.85 26.88 -16.55
N LEU A 439 -27.99 25.97 -17.03
CA LEU A 439 -26.97 25.32 -16.23
C LEU A 439 -25.87 26.31 -15.85
N THR A 440 -25.46 26.24 -14.59
CA THR A 440 -24.30 26.95 -14.05
C THR A 440 -23.56 26.00 -13.12
N TRP A 441 -22.34 26.38 -12.72
CA TRP A 441 -21.60 25.67 -11.69
C TRP A 441 -22.33 25.80 -10.35
N ASP A 442 -22.94 26.96 -10.13
CA ASP A 442 -23.45 27.34 -8.83
C ASP A 442 -24.68 26.52 -8.45
N ASN A 443 -25.32 25.87 -9.43
CA ASN A 443 -26.55 25.14 -9.18
C ASN A 443 -26.66 23.93 -10.12
N LEU A 444 -26.01 22.83 -9.74
CA LEU A 444 -25.98 21.61 -10.53
C LEU A 444 -26.76 20.49 -9.85
N LYS A 445 -27.55 20.85 -8.82
CA LYS A 445 -28.28 19.86 -8.05
C LYS A 445 -29.38 19.23 -8.91
N GLY A 446 -29.53 17.91 -8.77
CA GLY A 446 -30.57 17.16 -9.47
C GLY A 446 -30.33 17.05 -10.97
N LYS A 447 -29.06 17.25 -11.40
CA LYS A 447 -28.69 17.12 -12.80
C LYS A 447 -28.02 15.76 -13.03
N LYS A 448 -28.11 15.28 -14.28
CA LYS A 448 -27.38 14.11 -14.72
C LYS A 448 -25.90 14.49 -14.90
N SER A 449 -24.99 13.59 -14.52
CA SER A 449 -23.57 13.92 -14.57
C SER A 449 -22.74 12.73 -15.07
N CYS A 450 -21.60 13.04 -15.69
CA CYS A 450 -20.73 12.04 -16.29
C CYS A 450 -19.30 12.22 -15.79
N HIS A 451 -18.75 11.18 -15.15
CA HIS A 451 -17.41 11.24 -14.60
C HIS A 451 -16.55 10.23 -15.35
N THR A 452 -15.24 10.51 -15.42
CA THR A 452 -14.29 9.67 -16.14
C THR A 452 -14.26 8.28 -15.50
N ALA A 453 -13.99 8.30 -14.18
CA ALA A 453 -14.21 7.21 -13.23
C ALA A 453 -14.22 7.87 -11.85
N VAL A 454 -14.60 7.11 -10.82
CA VAL A 454 -14.53 7.64 -9.47
C VAL A 454 -13.09 7.51 -8.98
N GLY A 455 -12.64 8.51 -8.21
CA GLY A 455 -11.31 8.55 -7.62
C GLY A 455 -10.24 9.04 -8.60
N ARG A 456 -10.67 9.57 -9.75
CA ARG A 456 -9.75 10.09 -10.76
C ARG A 456 -9.65 11.60 -10.62
N THR A 457 -8.49 12.15 -11.00
CA THR A 457 -8.16 13.56 -10.84
C THR A 457 -9.29 14.44 -11.39
N ALA A 458 -9.43 14.41 -12.72
CA ALA A 458 -10.30 15.31 -13.46
C ALA A 458 -11.75 14.89 -13.30
N GLY A 459 -11.98 13.56 -13.37
CA GLY A 459 -13.32 12.98 -13.40
C GLY A 459 -14.05 13.09 -12.07
N TRP A 460 -13.32 13.02 -10.96
CA TRP A 460 -13.95 12.86 -9.66
C TRP A 460 -13.34 13.76 -8.59
N ASN A 461 -12.01 13.70 -8.45
CA ASN A 461 -11.31 14.24 -7.28
C ASN A 461 -11.43 15.75 -7.19
N ILE A 462 -11.14 16.45 -8.29
CA ILE A 462 -11.24 17.90 -8.32
C ILE A 462 -12.70 18.32 -8.23
N PRO A 463 -13.59 17.89 -9.17
CA PRO A 463 -14.97 18.37 -9.20
C PRO A 463 -15.73 18.11 -7.91
N MET A 464 -15.66 16.86 -7.42
CA MET A 464 -16.42 16.41 -6.27
C MET A 464 -15.76 16.93 -5.00
N GLY A 465 -14.44 17.13 -5.08
CA GLY A 465 -13.66 17.76 -4.03
C GLY A 465 -14.23 19.14 -3.70
N LEU A 466 -14.44 19.93 -4.74
CA LEU A 466 -14.95 21.30 -4.63
C LEU A 466 -16.40 21.27 -4.20
N LEU A 467 -17.16 20.31 -4.74
CA LEU A 467 -18.59 20.21 -4.51
C LEU A 467 -18.89 19.82 -3.05
N TYR A 468 -17.93 19.12 -2.43
CA TYR A 468 -18.06 18.71 -1.04
C TYR A 468 -18.13 19.94 -0.14
N ASN A 469 -17.39 21.00 -0.53
CA ASN A 469 -17.29 22.23 0.24
C ASN A 469 -18.58 23.04 0.10
N LYS A 470 -19.66 22.39 -0.32
CA LYS A 470 -20.92 23.07 -0.61
C LYS A 470 -22.09 22.30 -0.02
N ILE A 471 -21.91 20.99 0.18
CA ILE A 471 -22.97 20.14 0.69
C ILE A 471 -22.53 19.49 2.02
N ASN A 472 -21.21 19.36 2.20
CA ASN A 472 -20.59 18.86 3.42
C ASN A 472 -20.91 17.37 3.62
N HIS A 473 -20.89 16.64 2.50
CA HIS A 473 -20.91 15.18 2.48
C HIS A 473 -20.42 14.72 1.10
N CYS A 474 -20.09 13.43 0.99
CA CYS A 474 -19.60 12.88 -0.27
C CYS A 474 -20.59 11.87 -0.85
N ARG A 475 -21.83 11.92 -0.36
CA ARG A 475 -22.93 11.11 -0.90
C ARG A 475 -23.53 11.85 -2.10
N PHE A 476 -22.89 11.69 -3.26
CA PHE A 476 -23.16 12.54 -4.41
C PHE A 476 -24.30 11.96 -5.25
N ASP A 477 -24.62 10.68 -5.03
CA ASP A 477 -25.69 10.04 -5.79
C ASP A 477 -27.05 10.49 -5.24
N GLU A 478 -27.03 11.43 -4.29
CA GLU A 478 -28.24 12.05 -3.76
C GLU A 478 -28.33 13.49 -4.28
N PHE A 479 -27.17 14.08 -4.57
CA PHE A 479 -27.08 15.44 -5.10
C PHE A 479 -27.54 15.45 -6.55
N PHE A 480 -26.82 14.70 -7.40
CA PHE A 480 -27.15 14.52 -8.81
C PHE A 480 -28.31 13.52 -8.93
N SER A 481 -29.24 13.80 -9.85
CA SER A 481 -30.40 12.96 -10.04
C SER A 481 -29.95 11.53 -10.35
N GLU A 482 -29.31 11.37 -11.51
CA GLU A 482 -28.64 10.14 -11.89
C GLU A 482 -27.34 10.49 -12.61
N GLY A 483 -26.60 9.48 -13.07
CA GLY A 483 -25.33 9.73 -13.74
C GLY A 483 -24.60 8.46 -14.14
N CYS A 484 -23.36 8.65 -14.64
CA CYS A 484 -22.42 7.56 -14.86
C CYS A 484 -21.06 7.94 -14.30
N ALA A 485 -20.63 7.22 -13.27
CA ALA A 485 -19.35 7.42 -12.62
C ALA A 485 -18.66 6.07 -12.45
N PRO A 486 -18.07 5.49 -13.51
CA PRO A 486 -17.60 4.10 -13.49
C PRO A 486 -16.76 3.77 -12.25
N GLY A 487 -17.14 2.69 -11.57
CA GLY A 487 -16.53 2.30 -10.31
C GLY A 487 -17.42 2.55 -9.10
N SER A 488 -18.65 3.02 -9.33
CA SER A 488 -19.60 3.18 -8.24
C SER A 488 -20.22 1.83 -7.88
N LYS A 489 -20.93 1.79 -6.75
CA LYS A 489 -21.72 0.62 -6.38
C LYS A 489 -22.84 0.44 -7.40
N LYS A 490 -22.89 -0.75 -8.03
CA LYS A 490 -23.67 -0.99 -9.23
C LYS A 490 -25.14 -0.63 -9.03
N ASP A 491 -25.56 -0.58 -7.76
CA ASP A 491 -26.95 -0.31 -7.38
C ASP A 491 -27.17 1.18 -7.17
N SER A 492 -26.10 1.98 -7.28
CA SER A 492 -26.14 3.42 -7.10
C SER A 492 -26.82 4.09 -8.29
N SER A 493 -27.37 5.29 -8.04
CA SER A 493 -28.01 6.07 -9.09
C SER A 493 -26.97 6.64 -10.05
N LEU A 494 -25.68 6.54 -9.66
CA LEU A 494 -24.58 7.02 -10.47
C LEU A 494 -24.03 5.91 -11.37
N CYS A 495 -24.83 4.86 -11.59
CA CYS A 495 -24.48 3.85 -12.58
C CYS A 495 -25.60 3.75 -13.63
N LYS A 496 -26.62 4.60 -13.48
CA LYS A 496 -27.83 4.51 -14.29
C LYS A 496 -27.54 4.83 -15.75
N LEU A 497 -26.61 5.75 -16.01
CA LEU A 497 -26.39 6.23 -17.36
C LEU A 497 -25.33 5.39 -18.08
N CYS A 498 -24.63 4.52 -17.33
CA CYS A 498 -23.50 3.78 -17.89
C CYS A 498 -23.99 2.81 -18.96
N MET A 499 -23.20 2.64 -20.03
CA MET A 499 -23.67 1.91 -21.21
C MET A 499 -23.05 0.52 -21.28
N GLY A 500 -22.30 0.15 -20.24
CA GLY A 500 -21.72 -1.19 -20.15
C GLY A 500 -22.80 -2.27 -20.13
N SER A 501 -22.52 -3.39 -20.80
CA SER A 501 -23.45 -4.50 -20.85
C SER A 501 -22.89 -5.70 -20.08
N GLY A 502 -23.80 -6.49 -19.51
CA GLY A 502 -23.45 -7.58 -18.62
C GLY A 502 -22.87 -7.07 -17.31
N LEU A 503 -21.79 -7.73 -16.86
CA LEU A 503 -21.13 -7.37 -15.61
C LEU A 503 -20.09 -6.28 -15.86
N ASN A 504 -20.25 -5.54 -16.97
CA ASN A 504 -19.36 -4.46 -17.36
C ASN A 504 -20.03 -3.11 -17.15
N LEU A 505 -21.34 -3.15 -16.85
CA LEU A 505 -22.08 -1.95 -16.52
C LEU A 505 -21.42 -1.28 -15.30
N CYS A 506 -21.02 -0.01 -15.52
CA CYS A 506 -20.50 0.88 -14.49
C CYS A 506 -19.11 0.44 -14.04
N GLU A 507 -18.44 -0.37 -14.87
CA GLU A 507 -17.13 -0.91 -14.55
C GLU A 507 -16.06 0.08 -15.04
N PRO A 508 -15.12 0.53 -14.17
CA PRO A 508 -14.04 1.42 -14.62
C PRO A 508 -12.95 0.72 -15.43
N ASN A 509 -13.30 0.29 -16.66
CA ASN A 509 -12.35 -0.23 -17.64
C ASN A 509 -12.91 0.01 -19.05
N ASN A 510 -12.16 -0.43 -20.07
CA ASN A 510 -12.48 -0.22 -21.46
C ASN A 510 -13.89 -0.72 -21.79
N LYS A 511 -14.26 -1.87 -21.22
CA LYS A 511 -15.47 -2.58 -21.58
C LYS A 511 -16.71 -1.84 -21.09
N GLU A 512 -16.50 -0.64 -20.56
CA GLU A 512 -17.56 0.33 -20.29
C GLU A 512 -17.33 1.55 -21.17
N GLY A 513 -18.27 1.80 -22.09
CA GLY A 513 -18.11 2.81 -23.12
C GLY A 513 -18.00 4.24 -22.56
N TYR A 514 -18.44 4.44 -21.31
CA TYR A 514 -18.47 5.79 -20.74
C TYR A 514 -17.32 5.98 -19.76
N TYR A 515 -16.32 5.08 -19.82
CA TYR A 515 -15.17 5.12 -18.94
C TYR A 515 -14.07 5.99 -19.51
N GLY A 516 -13.53 6.87 -18.66
CA GLY A 516 -12.35 7.65 -18.99
C GLY A 516 -12.72 9.04 -19.46
N TYR A 517 -11.73 9.76 -20.02
CA TYR A 517 -11.90 11.12 -20.49
C TYR A 517 -12.94 11.17 -21.61
N THR A 518 -12.68 10.39 -22.67
CA THR A 518 -13.49 10.33 -23.88
C THR A 518 -14.89 9.80 -23.54
N GLY A 519 -14.94 8.74 -22.73
CA GLY A 519 -16.18 8.06 -22.40
C GLY A 519 -17.17 8.94 -21.63
N ALA A 520 -16.66 9.77 -20.72
CA ALA A 520 -17.48 10.65 -19.92
C ALA A 520 -18.09 11.74 -20.79
N PHE A 521 -17.33 12.17 -21.81
CA PHE A 521 -17.83 13.11 -22.80
C PHE A 521 -18.90 12.46 -23.65
N ARG A 522 -18.60 11.27 -24.19
CA ARG A 522 -19.60 10.48 -24.90
C ARG A 522 -20.88 10.43 -24.09
N CYS A 523 -20.74 10.15 -22.78
CA CYS A 523 -21.82 10.15 -21.82
C CYS A 523 -22.57 11.47 -21.92
N LEU A 524 -21.84 12.59 -21.81
CA LEU A 524 -22.45 13.90 -21.84
C LEU A 524 -23.30 14.06 -23.09
N VAL A 525 -22.67 13.84 -24.26
CA VAL A 525 -23.31 13.87 -25.56
C VAL A 525 -24.61 13.08 -25.52
N GLU A 526 -24.53 11.79 -25.15
CA GLU A 526 -25.65 10.88 -25.31
C GLU A 526 -26.69 11.03 -24.20
N LYS A 527 -26.27 11.17 -22.93
CA LYS A 527 -27.19 10.98 -21.81
C LYS A 527 -27.10 12.06 -20.73
N GLY A 528 -25.92 12.67 -20.53
CA GLY A 528 -25.70 13.49 -19.35
C GLY A 528 -25.96 14.98 -19.55
N ASP A 529 -25.96 15.72 -18.43
CA ASP A 529 -26.13 17.16 -18.43
C ASP A 529 -24.76 17.85 -18.32
N VAL A 530 -23.86 17.24 -17.53
CA VAL A 530 -22.54 17.78 -17.26
C VAL A 530 -21.51 16.65 -17.22
N ALA A 531 -20.41 16.84 -17.94
CA ALA A 531 -19.27 15.94 -17.86
C ALA A 531 -18.09 16.66 -17.21
N PHE A 532 -17.40 15.94 -16.34
CA PHE A 532 -16.17 16.43 -15.71
C PHE A 532 -14.99 15.75 -16.39
N VAL A 533 -14.26 16.51 -17.20
CA VAL A 533 -13.13 16.00 -17.97
C VAL A 533 -12.07 17.09 -18.07
N LYS A 534 -10.93 16.76 -18.69
CA LYS A 534 -9.87 17.73 -18.95
C LYS A 534 -10.26 18.63 -20.13
N HIS A 535 -9.48 19.70 -20.29
CA HIS A 535 -9.74 20.75 -21.27
C HIS A 535 -9.55 20.24 -22.70
N GLN A 536 -8.64 19.26 -22.84
CA GLN A 536 -8.19 18.81 -24.14
C GLN A 536 -9.21 17.83 -24.72
N THR A 537 -10.16 17.39 -23.89
CA THR A 537 -11.03 16.26 -24.18
C THR A 537 -12.00 16.58 -25.33
N VAL A 538 -12.73 17.70 -25.18
CA VAL A 538 -13.76 18.10 -26.12
C VAL A 538 -13.14 18.37 -27.49
N PRO A 539 -12.13 19.26 -27.61
CA PRO A 539 -11.41 19.48 -28.86
C PRO A 539 -11.01 18.21 -29.62
N GLN A 540 -10.55 17.19 -28.88
CA GLN A 540 -10.01 15.99 -29.50
C GLN A 540 -11.13 15.11 -30.04
N ASN A 541 -12.34 15.22 -29.46
CA ASN A 541 -13.44 14.34 -29.80
C ASN A 541 -14.60 15.09 -30.43
N THR A 542 -14.29 16.19 -31.13
CA THR A 542 -15.27 16.94 -31.90
C THR A 542 -14.68 17.21 -33.29
N GLY A 543 -15.50 17.83 -34.15
CA GLY A 543 -15.09 18.33 -35.45
C GLY A 543 -14.39 17.27 -36.31
N GLY A 544 -14.94 16.04 -36.30
CA GLY A 544 -14.55 14.99 -37.23
C GLY A 544 -13.28 14.25 -36.84
N LYS A 545 -12.55 14.78 -35.84
CA LYS A 545 -11.29 14.22 -35.35
C LYS A 545 -11.51 12.81 -34.81
N ASN A 546 -12.55 12.64 -33.99
CA ASN A 546 -13.00 11.32 -33.54
C ASN A 546 -13.90 10.73 -34.62
N PRO A 547 -13.48 9.63 -35.29
CA PRO A 547 -14.20 9.10 -36.46
C PRO A 547 -15.37 8.19 -36.12
N ASP A 548 -15.62 7.97 -34.82
CA ASP A 548 -16.71 7.11 -34.36
C ASP A 548 -18.04 7.83 -34.56
N PRO A 549 -19.10 7.11 -34.96
CA PRO A 549 -20.42 7.71 -35.25
C PRO A 549 -20.93 8.68 -34.18
N TRP A 550 -20.64 8.36 -32.91
CA TRP A 550 -21.13 9.11 -31.77
C TRP A 550 -20.54 10.51 -31.75
N ALA A 551 -19.30 10.65 -32.25
CA ALA A 551 -18.50 11.85 -32.07
C ALA A 551 -18.25 12.59 -33.39
N LYS A 552 -18.36 11.87 -34.53
CA LYS A 552 -18.04 12.40 -35.85
C LYS A 552 -18.64 13.78 -36.07
N ASN A 553 -19.97 13.88 -35.88
CA ASN A 553 -20.72 14.96 -36.49
C ASN A 553 -20.99 16.08 -35.48
N LEU A 554 -20.13 16.17 -34.46
CA LEU A 554 -20.25 17.19 -33.43
C LEU A 554 -19.29 18.32 -33.78
N ASN A 555 -19.37 19.43 -33.03
CA ASN A 555 -18.35 20.47 -33.03
C ASN A 555 -18.38 21.23 -31.71
N GLU A 556 -17.22 21.75 -31.31
CA GLU A 556 -17.04 22.24 -29.96
C GLU A 556 -17.86 23.50 -29.74
N LYS A 557 -18.35 24.11 -30.83
CA LYS A 557 -19.16 25.31 -30.75
C LYS A 557 -20.48 25.00 -30.05
N ASP A 558 -20.87 23.71 -30.07
CA ASP A 558 -22.11 23.25 -29.48
C ASP A 558 -21.97 23.05 -27.98
N TYR A 559 -20.75 23.29 -27.45
CA TYR A 559 -20.43 22.92 -26.09
C TYR A 559 -19.79 24.10 -25.35
N GLU A 560 -19.96 24.08 -24.03
CA GLU A 560 -19.57 25.20 -23.18
C GLU A 560 -18.99 24.65 -21.89
N LEU A 561 -18.19 25.48 -21.20
CA LEU A 561 -17.58 25.10 -19.92
C LEU A 561 -18.28 25.87 -18.80
N LEU A 562 -18.14 25.38 -17.57
CA LEU A 562 -18.68 26.07 -16.40
C LEU A 562 -17.51 26.63 -15.59
N CYS A 563 -17.56 27.93 -15.31
CA CYS A 563 -16.50 28.64 -14.61
C CYS A 563 -16.92 28.86 -13.17
N LEU A 564 -15.93 28.92 -12.27
CA LEU A 564 -16.17 28.89 -10.83
C LEU A 564 -17.10 30.02 -10.39
N ASP A 565 -16.86 31.23 -10.92
CA ASP A 565 -17.55 32.44 -10.50
C ASP A 565 -19.06 32.29 -10.65
N GLY A 566 -19.49 31.64 -11.75
CA GLY A 566 -20.90 31.33 -11.96
C GLY A 566 -21.28 31.36 -13.43
N THR A 567 -20.40 31.95 -14.25
CA THR A 567 -20.64 32.22 -15.67
C THR A 567 -20.36 30.97 -16.49
N ARG A 568 -20.32 31.14 -17.82
CA ARG A 568 -19.92 30.11 -18.76
C ARG A 568 -19.01 30.74 -19.81
N LYS A 569 -18.39 29.92 -20.67
CA LYS A 569 -17.48 30.37 -21.72
C LYS A 569 -17.26 29.24 -22.71
N PRO A 570 -17.08 29.54 -24.02
CA PRO A 570 -16.78 28.51 -25.02
C PRO A 570 -15.61 27.60 -24.61
N VAL A 571 -15.51 26.47 -25.31
CA VAL A 571 -14.62 25.37 -24.96
C VAL A 571 -13.16 25.82 -25.02
N GLU A 572 -12.93 27.05 -25.50
CA GLU A 572 -11.59 27.56 -25.67
C GLU A 572 -11.10 28.31 -24.42
N GLU A 573 -12.02 29.03 -23.75
CA GLU A 573 -11.66 29.86 -22.61
C GLU A 573 -11.40 29.01 -21.37
N TYR A 574 -10.85 27.81 -21.56
CA TYR A 574 -10.51 26.93 -20.45
C TYR A 574 -9.39 27.57 -19.62
N ALA A 575 -8.66 28.49 -20.26
CA ALA A 575 -7.55 29.22 -19.68
C ALA A 575 -7.91 29.73 -18.29
N ASN A 576 -9.13 30.24 -18.13
CA ASN A 576 -9.58 30.74 -16.84
C ASN A 576 -11.01 30.28 -16.55
N CYS A 577 -11.56 29.43 -17.45
CA CYS A 577 -12.80 28.73 -17.15
C CYS A 577 -12.48 27.27 -16.86
N HIS A 578 -11.71 27.06 -15.79
CA HIS A 578 -11.39 25.74 -15.26
C HIS A 578 -12.00 25.61 -13.86
N LEU A 579 -11.95 24.39 -13.31
CA LEU A 579 -12.37 24.12 -11.94
C LEU A 579 -11.16 24.21 -11.02
N ALA A 580 -10.03 23.62 -11.45
CA ALA A 580 -8.71 23.76 -10.87
C ALA A 580 -7.68 23.12 -11.78
N ARG A 581 -6.41 23.46 -11.55
CA ARG A 581 -5.29 22.85 -12.28
C ARG A 581 -5.07 21.45 -11.73
N ALA A 582 -4.70 20.52 -12.62
CA ALA A 582 -4.66 19.11 -12.23
C ALA A 582 -3.21 18.65 -12.10
N PRO A 583 -2.82 18.09 -10.93
CA PRO A 583 -1.60 17.31 -10.81
C PRO A 583 -1.46 16.39 -12.01
N ASN A 584 -0.36 16.56 -12.75
CA ASN A 584 -0.07 15.82 -13.96
C ASN A 584 0.02 14.33 -13.63
N HIS A 585 -0.28 13.47 -14.61
CA HIS A 585 -0.08 12.04 -14.50
C HIS A 585 1.40 11.75 -14.27
N ALA A 586 1.71 10.73 -13.46
CA ALA A 586 3.05 10.49 -12.97
C ALA A 586 3.41 9.00 -13.01
N VAL A 587 4.71 8.71 -12.87
CA VAL A 587 5.23 7.35 -12.78
C VAL A 587 5.59 7.06 -11.33
N VAL A 588 5.00 5.99 -10.77
CA VAL A 588 5.29 5.63 -9.39
C VAL A 588 6.18 4.39 -9.35
N THR A 589 6.98 4.31 -8.27
CA THR A 589 7.78 3.14 -7.92
C THR A 589 8.04 3.15 -6.41
N ARG A 590 8.90 2.21 -5.97
CA ARG A 590 9.30 2.04 -4.57
C ARG A 590 10.45 2.99 -4.25
N LYS A 591 10.54 3.41 -2.98
CA LYS A 591 11.57 4.31 -2.48
C LYS A 591 12.95 3.84 -2.95
N ASP A 592 13.15 2.51 -2.97
CA ASP A 592 14.44 1.90 -3.27
C ASP A 592 14.62 1.71 -4.78
N LYS A 593 13.91 2.53 -5.58
CA LYS A 593 13.99 2.41 -7.03
C LYS A 593 13.98 3.79 -7.68
N GLU A 594 13.72 4.84 -6.87
CA GLU A 594 13.78 6.22 -7.32
C GLU A 594 14.98 6.42 -8.23
N ALA A 595 16.15 5.98 -7.77
CA ALA A 595 17.39 6.05 -8.53
C ALA A 595 17.25 5.25 -9.83
N CYS A 596 16.93 3.96 -9.70
CA CYS A 596 16.97 3.02 -10.82
C CYS A 596 16.02 3.43 -11.93
N VAL A 597 14.75 3.69 -11.56
CA VAL A 597 13.71 4.02 -12.51
C VAL A 597 14.06 5.37 -13.16
N HIS A 598 14.32 6.37 -12.33
CA HIS A 598 14.63 7.74 -12.74
C HIS A 598 15.69 7.74 -13.83
N LYS A 599 16.60 6.76 -13.77
CA LYS A 599 17.75 6.64 -14.66
C LYS A 599 17.32 5.97 -15.96
N ILE A 600 16.83 4.72 -15.85
CA ILE A 600 16.63 3.84 -17.00
C ILE A 600 15.54 4.39 -17.91
N LEU A 601 14.62 5.19 -17.35
CA LEU A 601 13.51 5.74 -18.12
C LEU A 601 13.96 6.91 -18.98
N ARG A 602 14.70 7.86 -18.38
CA ARG A 602 15.25 9.01 -19.07
C ARG A 602 16.10 8.55 -20.27
N GLN A 603 16.73 7.37 -20.12
CA GLN A 603 17.59 6.81 -21.14
C GLN A 603 16.76 6.13 -22.24
N GLN A 604 15.58 5.62 -21.86
CA GLN A 604 14.67 4.96 -22.78
C GLN A 604 13.80 5.99 -23.49
N GLN A 605 13.94 7.26 -23.08
CA GLN A 605 13.07 8.35 -23.50
C GLN A 605 13.64 9.01 -24.75
N HIS A 606 14.94 9.32 -24.74
CA HIS A 606 15.55 10.02 -25.86
C HIS A 606 15.80 9.05 -27.02
N LEU A 607 15.63 7.74 -26.75
CA LEU A 607 15.72 6.70 -27.77
C LEU A 607 14.40 6.55 -28.51
N PHE A 608 13.28 6.62 -27.78
CA PHE A 608 11.99 6.23 -28.31
C PHE A 608 10.90 7.25 -27.97
N GLY A 609 11.29 8.51 -27.76
CA GLY A 609 10.37 9.54 -27.30
C GLY A 609 9.90 10.47 -28.43
N SER A 610 9.77 11.76 -28.11
CA SER A 610 9.23 12.76 -29.02
C SER A 610 10.33 13.33 -29.92
N ASN A 611 11.24 12.47 -30.39
CA ASN A 611 12.28 12.89 -31.31
C ASN A 611 12.55 11.80 -32.36
N VAL A 612 11.58 10.90 -32.54
CA VAL A 612 11.51 10.06 -33.73
C VAL A 612 10.04 9.95 -34.12
N THR A 613 9.75 10.28 -35.40
CA THR A 613 8.39 10.25 -35.92
C THR A 613 8.16 8.96 -36.69
N ASP A 614 7.07 8.93 -37.47
CA ASP A 614 6.59 7.75 -38.18
C ASP A 614 6.65 6.52 -37.29
N CYS A 615 5.68 6.41 -36.38
CA CYS A 615 5.63 5.37 -35.37
C CYS A 615 4.90 4.16 -35.93
N SER A 616 5.35 3.69 -37.10
CA SER A 616 4.82 2.52 -37.78
C SER A 616 5.98 1.71 -38.33
N GLY A 617 6.30 0.61 -37.64
CA GLY A 617 7.51 -0.16 -37.91
C GLY A 617 8.64 0.25 -36.96
N ASN A 618 8.69 1.54 -36.62
CA ASN A 618 9.56 2.06 -35.58
C ASN A 618 8.79 2.03 -34.25
N PHE A 619 9.52 2.18 -33.14
CA PHE A 619 8.87 2.22 -31.83
C PHE A 619 8.84 3.65 -31.31
N CYS A 620 7.67 4.03 -30.76
CA CYS A 620 7.49 5.26 -30.02
C CYS A 620 6.87 4.94 -28.67
N LEU A 621 7.16 5.79 -27.68
CA LEU A 621 6.78 5.53 -26.30
C LEU A 621 5.45 6.22 -26.00
N PHE A 622 5.20 7.33 -26.70
CA PHE A 622 4.03 8.16 -26.43
C PHE A 622 3.01 8.01 -27.57
N ARG A 623 3.20 6.97 -28.38
CA ARG A 623 2.24 6.56 -29.39
C ARG A 623 1.53 5.30 -28.88
N SER A 624 0.26 5.15 -29.26
CA SER A 624 -0.51 3.96 -28.92
C SER A 624 -1.18 3.42 -30.17
N GLU A 625 -1.29 2.08 -30.24
CA GLU A 625 -1.99 1.41 -31.32
C GLU A 625 -3.47 1.78 -31.26
N THR A 626 -4.04 1.67 -30.04
CA THR A 626 -5.45 1.90 -29.80
C THR A 626 -5.64 2.57 -28.44
N LYS A 627 -5.67 3.91 -28.45
CA LYS A 627 -5.88 4.73 -27.25
C LYS A 627 -4.67 4.62 -26.31
N ASP A 628 -4.64 5.49 -25.30
CA ASP A 628 -3.46 5.75 -24.49
C ASP A 628 -3.03 4.51 -23.71
N LEU A 629 -2.06 3.78 -24.27
CA LEU A 629 -1.48 2.58 -23.67
C LEU A 629 -0.24 2.96 -22.86
N LEU A 630 -0.15 2.40 -21.63
CA LEU A 630 0.94 2.59 -20.69
C LEU A 630 1.04 4.06 -20.30
N PHE A 631 1.42 4.89 -21.27
CA PHE A 631 1.46 6.34 -21.10
C PHE A 631 0.43 6.98 -22.03
N ARG A 632 -0.08 8.15 -21.63
CA ARG A 632 -0.97 8.93 -22.47
C ARG A 632 -0.28 9.25 -23.79
N ASP A 633 -1.07 9.70 -24.78
CA ASP A 633 -0.56 10.02 -26.10
C ASP A 633 -0.24 11.50 -26.18
N ASP A 634 -0.85 12.29 -25.28
CA ASP A 634 -0.62 13.71 -25.17
C ASP A 634 0.80 13.97 -24.63
N THR A 635 1.51 12.89 -24.29
CA THR A 635 2.77 12.95 -23.58
C THR A 635 3.92 13.23 -24.55
N VAL A 636 4.80 14.16 -24.14
CA VAL A 636 5.96 14.56 -24.92
C VAL A 636 7.25 14.11 -24.22
N CYS A 637 7.32 14.28 -22.89
CA CYS A 637 8.50 13.92 -22.12
C CYS A 637 8.11 13.54 -20.68
N LEU A 638 9.06 12.92 -19.97
CA LEU A 638 8.92 12.51 -18.58
C LEU A 638 9.76 13.41 -17.68
N ALA A 639 9.07 14.27 -16.91
CA ALA A 639 9.69 15.37 -16.19
C ALA A 639 10.39 14.87 -14.91
N LYS A 640 11.51 15.52 -14.57
CA LYS A 640 12.06 15.48 -13.23
C LYS A 640 11.04 16.08 -12.27
N LEU A 641 11.09 15.66 -11.00
CA LEU A 641 10.11 16.11 -10.02
C LEU A 641 10.76 17.03 -8.99
N HIS A 642 12.10 17.05 -8.97
CA HIS A 642 12.91 17.84 -8.04
C HIS A 642 12.51 17.48 -6.61
N ASP A 643 11.85 18.44 -5.94
CA ASP A 643 11.46 18.30 -4.55
C ASP A 643 10.27 17.34 -4.43
N ARG A 644 9.33 17.40 -5.39
CA ARG A 644 8.03 16.76 -5.28
C ARG A 644 8.10 15.27 -5.62
N ASN A 645 8.61 14.46 -4.68
CA ASN A 645 8.64 13.02 -4.84
C ASN A 645 7.91 12.35 -3.66
N THR A 646 7.18 13.16 -2.90
CA THR A 646 6.15 12.69 -1.99
C THR A 646 4.80 12.87 -2.69
N TYR A 647 3.85 11.99 -2.38
CA TYR A 647 2.50 12.10 -2.93
C TYR A 647 1.80 13.33 -2.33
N GLU A 648 2.27 13.80 -1.17
CA GLU A 648 1.77 15.05 -0.59
C GLU A 648 2.37 16.24 -1.34
N LYS A 649 3.70 16.21 -1.50
CA LYS A 649 4.43 17.31 -2.12
C LYS A 649 4.04 17.44 -3.59
N TYR A 650 3.76 16.30 -4.23
CA TYR A 650 3.50 16.26 -5.65
C TYR A 650 2.08 16.72 -5.97
N LEU A 651 1.10 16.18 -5.23
CA LEU A 651 -0.31 16.49 -5.47
C LEU A 651 -0.66 17.86 -4.94
N GLY A 652 0.08 18.32 -3.91
CA GLY A 652 -0.24 19.53 -3.20
C GLY A 652 -1.24 19.25 -2.09
N GLU A 653 -1.24 20.10 -1.04
CA GLU A 653 -2.04 19.85 0.15
C GLU A 653 -3.51 20.19 -0.12
N GLU A 654 -3.77 20.87 -1.24
CA GLU A 654 -5.13 21.26 -1.61
C GLU A 654 -5.86 20.07 -2.20
N TYR A 655 -5.17 19.34 -3.09
CA TYR A 655 -5.68 18.11 -3.68
C TYR A 655 -5.94 17.09 -2.59
N VAL A 656 -4.96 16.94 -1.69
CA VAL A 656 -4.92 15.92 -0.66
C VAL A 656 -6.03 16.16 0.37
N LYS A 657 -6.18 17.41 0.82
CA LYS A 657 -7.21 17.76 1.79
C LYS A 657 -8.58 17.35 1.25
N ALA A 658 -8.77 17.51 -0.07
CA ALA A 658 -10.02 17.20 -0.75
C ALA A 658 -10.25 15.70 -0.74
N VAL A 659 -9.26 14.94 -1.23
CA VAL A 659 -9.33 13.49 -1.33
C VAL A 659 -9.48 12.89 0.06
N GLY A 660 -8.93 13.57 1.07
CA GLY A 660 -9.15 13.22 2.46
C GLY A 660 -10.64 13.19 2.82
N ASN A 661 -11.36 14.25 2.41
CA ASN A 661 -12.79 14.37 2.65
C ASN A 661 -13.56 13.33 1.85
N LEU A 662 -13.10 13.06 0.62
CA LEU A 662 -13.77 12.15 -0.30
C LEU A 662 -13.61 10.70 0.15
N ARG A 663 -12.55 10.43 0.92
CA ARG A 663 -12.24 9.09 1.42
C ARG A 663 -13.38 8.55 2.28
N LYS A 664 -14.08 9.45 2.98
CA LYS A 664 -15.18 9.10 3.87
C LYS A 664 -16.19 8.19 3.16
N CYS A 665 -16.14 8.16 1.82
CA CYS A 665 -17.19 7.55 1.01
C CYS A 665 -16.62 6.52 0.03
N SER A 666 -15.34 6.65 -0.35
CA SER A 666 -14.77 5.88 -1.44
C SER A 666 -14.74 4.38 -1.13
N THR A 667 -14.54 3.58 -2.18
CA THR A 667 -14.79 2.14 -2.10
C THR A 667 -13.51 1.35 -2.38
N SER A 668 -12.36 2.04 -2.43
CA SER A 668 -11.11 1.42 -2.83
C SER A 668 -10.63 0.43 -1.78
N SER A 669 -10.44 -0.83 -2.19
CA SER A 669 -10.13 -1.91 -1.28
C SER A 669 -8.62 -1.98 -1.01
N LEU A 670 -7.82 -1.53 -1.98
CA LEU A 670 -6.38 -1.48 -1.82
C LEU A 670 -6.01 -0.35 -0.86
N LEU A 671 -6.77 0.75 -0.96
CA LEU A 671 -6.61 1.88 -0.05
C LEU A 671 -6.99 1.43 1.35
N GLU A 672 -8.09 0.65 1.43
CA GLU A 672 -8.61 0.15 2.69
C GLU A 672 -7.56 -0.71 3.40
N ALA A 673 -6.82 -1.51 2.62
CA ALA A 673 -5.79 -2.38 3.16
C ALA A 673 -4.58 -1.57 3.59
N CYS A 674 -4.21 -0.59 2.76
CA CYS A 674 -3.00 0.19 2.99
C CYS A 674 -3.17 1.05 4.24
N THR A 675 -4.42 1.46 4.50
CA THR A 675 -4.69 2.32 5.63
C THR A 675 -5.09 1.48 6.85
N PHE A 676 -5.05 0.15 6.68
CA PHE A 676 -5.17 -0.74 7.83
C PHE A 676 -3.83 -0.73 8.56
N ARG A 677 -2.74 -0.75 7.78
CA ARG A 677 -1.38 -0.71 8.28
C ARG A 677 -1.02 0.70 8.72
N ARG A 678 -1.48 1.69 7.94
CA ARG A 678 -1.17 3.09 8.22
C ARG A 678 -2.47 3.87 8.34
N PRO A 679 -3.14 3.82 9.52
CA PRO A 679 -4.48 4.41 9.68
C PRO A 679 -4.57 5.90 9.34
#